data_6XBZ
#
_entry.id   6XBZ
#
_cell.length_a   1.00
_cell.length_b   1.00
_cell.length_c   1.00
_cell.angle_alpha   90.00
_cell.angle_beta   90.00
_cell.angle_gamma   90.00
#
_symmetry.space_group_name_H-M   'P 1'
#
loop_
_entity.id
_entity.type
_entity.pdbx_description
1 polymer 'CDK-activating kinase assembly factor MAT1'
2 polymer Cyclin-H
3 polymer 'Cyclin-dependent kinase 7'
4 non-polymer 'MAGNESIUM ION'
5 non-polymer 'PHOSPHOTHIOPHOSPHORIC ACID-ADENYLATE ESTER'
#
loop_
_entity_poly.entity_id
_entity_poly.type
_entity_poly.pdbx_seq_one_letter_code
_entity_poly.pdbx_strand_id
1 'polypeptide(L)'
;MGSSHHHHHHENLYFQSNAMDDQGCPRCKTTKYRNPSLKLMVNVCGHTLCESCVDLLFVRGAGNCPECGTPLRKSNFRVQ
LFEDPTVDKEVEIRKKVLKIYNKREEDFPSLREYNDFLEEVEEIVFNLTNNVDLDNTKKKMEIYQKENKDVIQKNKLKLT
REQEELEEALEVERQENEQRRLFIQKEEQLQQILKRKNKQAFLDELESSDLPVALLLAQHKDRSTQLEMQLEKPKPVKPV
TFSTGIKMGQHISLAPIHKLEEALYEYQPLQIETYGPHVPELEMLGRLGYLNHVRAASPQDLAGGYTSSLACHRALQDAF
SGLFWQPS
;
H
2 'polypeptide(L)'
;MYHNSSQKRHWTFSSEEQLARLRADANRKFRCKAVANGKVLPNDPVFLEPHEEMTLCKYYEKRLLEFCSVFKPAMPRSVV
GTACMYFKRFYLNNSVMEYHPRIIMLTCAFLACKVDEFNVSSPQFVGNLRESPLGQEKALEQILEYELLLIQQLNFHLIV
HNPYRPFEGFLIDLKTRYPILENPEILRKTADDFLNRIALTDAYLLYTPSQIALTAILSSASRAGITMESYLSESLMLKE
NRTCLSQLLDIMKSMRNLVKKYEPPRSEEVAVLKQKLERCHSAELALNVITKKRKGYEDDDYVSKKSKHEEEEWTDDDLV
ESL
;
I
3 'polypeptide(L)'
;MASWSHPQFEKGGGSGGGSGGGSWSHPQFEKSGGGSENLYFQSNAMALDVKSRAKRYEKLDFLGEGQFATVYKARDKNTN
QIVAIKKIKLGHRSEAKDGINRTALREIKLLQELSHPNIIGLLDAFGHKSNISLVFDFMETDLEVIIKDNSLVLTPSHIK
AYMLMTLQGLEYLHQHWILHRDLKPNNLLLDENGVLKLADFGLAKSFG(SEP)PNRAYTHQVVTRWYRAPELLFGARMYG
VGVDMWAVGCILAELLLRVPFLPGDSDLDQLTRIFETLGTPTEEQWPDMCSLPDYVTFKSFPGIPLHHIFSAAGDDLLDL
IQGLFLFNPCARITATQALKMKYFSNRPGPTPGCQLPRPNCPVETLKEQSNPALAIKRKRTEALEQGGLPKKLIF
;
J
#
# COMPACT_ATOMS: atom_id res chain seq x y z
N ALA A 263 6.79 -16.12 32.37
CA ALA A 263 6.74 -15.00 31.43
C ALA A 263 6.42 -15.46 30.03
N LEU A 264 5.54 -16.47 29.93
CA LEU A 264 5.23 -17.10 28.66
C LEU A 264 4.43 -16.14 27.77
N TYR A 265 4.14 -16.59 26.56
CA TYR A 265 3.48 -15.78 25.55
C TYR A 265 2.11 -16.37 25.25
N GLU A 266 1.11 -15.51 25.17
CA GLU A 266 -0.23 -15.91 24.75
C GLU A 266 -0.61 -15.09 23.53
N TYR A 267 -1.11 -15.77 22.51
CA TYR A 267 -1.42 -15.08 21.26
C TYR A 267 -2.70 -14.29 21.37
N GLN A 268 -2.64 -13.01 21.01
CA GLN A 268 -3.80 -12.15 20.93
C GLN A 268 -4.06 -11.77 19.48
N PRO A 269 -5.33 -11.77 19.05
CA PRO A 269 -5.64 -11.74 17.62
C PRO A 269 -5.45 -10.41 16.92
N LEU A 270 -4.73 -9.44 17.51
CA LEU A 270 -4.42 -8.17 16.87
C LEU A 270 -5.71 -7.43 16.48
N GLN A 271 -6.43 -7.01 17.51
CA GLN A 271 -7.69 -6.30 17.30
C GLN A 271 -7.42 -4.93 16.70
N ILE A 272 -7.65 -4.80 15.40
CA ILE A 272 -7.62 -3.52 14.70
C ILE A 272 -9.04 -3.20 14.28
N GLU A 273 -9.53 -2.06 14.72
CA GLU A 273 -10.96 -1.74 14.64
C GLU A 273 -11.27 -1.12 13.28
N THR A 274 -11.89 -1.90 12.42
CA THR A 274 -12.43 -1.43 11.14
C THR A 274 -13.81 -0.85 11.41
N TYR A 275 -14.05 0.35 10.90
CA TYR A 275 -15.34 1.01 11.10
C TYR A 275 -16.28 0.56 10.00
N GLY A 276 -16.81 -0.64 10.15
CA GLY A 276 -17.68 -1.20 9.14
C GLY A 276 -18.24 -2.54 9.54
N PRO A 277 -19.05 -3.13 8.67
CA PRO A 277 -19.60 -4.46 8.94
C PRO A 277 -18.53 -5.52 8.94
N HIS A 278 -18.82 -6.60 9.67
CA HIS A 278 -17.86 -7.69 9.84
C HIS A 278 -17.63 -8.42 8.53
N VAL A 279 -16.36 -8.70 8.25
CA VAL A 279 -15.95 -9.46 7.08
C VAL A 279 -15.71 -10.90 7.52
N PRO A 280 -16.28 -11.90 6.85
CA PRO A 280 -16.03 -13.28 7.23
C PRO A 280 -14.58 -13.69 6.95
N GLU A 281 -14.13 -14.68 7.71
CA GLU A 281 -12.74 -15.10 7.65
C GLU A 281 -12.42 -15.72 6.29
N LEU A 282 -11.13 -15.79 5.98
CA LEU A 282 -10.70 -16.22 4.66
C LEU A 282 -11.02 -17.70 4.43
N GLU A 283 -10.90 -18.54 5.45
CA GLU A 283 -11.24 -19.94 5.26
C GLU A 283 -12.76 -20.14 5.22
N MET A 284 -13.49 -19.42 6.07
CA MET A 284 -14.95 -19.48 6.08
C MET A 284 -15.52 -18.52 5.06
N LEU A 285 -15.03 -18.63 3.83
CA LEU A 285 -15.39 -17.70 2.76
C LEU A 285 -15.84 -18.38 1.49
N GLY A 286 -15.46 -19.63 1.25
CA GLY A 286 -15.92 -20.35 0.09
C GLY A 286 -17.17 -21.14 0.41
N ARG A 287 -17.35 -21.49 1.67
CA ARG A 287 -18.54 -22.20 2.11
C ARG A 287 -19.60 -21.27 2.66
N LEU A 288 -19.45 -19.96 2.48
CA LEU A 288 -20.54 -19.03 2.60
C LEU A 288 -21.07 -18.59 1.24
N GLY A 289 -20.36 -18.90 0.17
CA GLY A 289 -20.82 -18.67 -1.18
C GLY A 289 -20.12 -17.56 -1.93
N TYR A 290 -19.20 -16.85 -1.28
CA TYR A 290 -18.59 -15.69 -1.92
C TYR A 290 -17.80 -16.06 -3.16
N LEU A 291 -17.02 -17.14 -3.07
CA LEU A 291 -16.08 -17.47 -4.13
C LEU A 291 -16.75 -17.90 -5.43
N ASN A 292 -18.06 -18.15 -5.42
CA ASN A 292 -18.76 -18.39 -6.67
C ASN A 292 -18.79 -17.16 -7.55
N HIS A 293 -18.71 -15.97 -6.95
CA HIS A 293 -18.84 -14.72 -7.69
C HIS A 293 -17.51 -14.01 -7.87
N VAL A 294 -16.41 -14.72 -7.64
CA VAL A 294 -15.07 -14.23 -7.88
C VAL A 294 -14.45 -15.14 -8.94
N ARG A 295 -13.70 -14.53 -9.87
CA ARG A 295 -13.06 -15.31 -10.91
C ARG A 295 -12.13 -16.35 -10.29
N ALA A 296 -12.27 -17.59 -10.74
CA ALA A 296 -11.44 -18.66 -10.20
C ALA A 296 -9.99 -18.42 -10.52
N ALA A 297 -9.13 -18.72 -9.55
CA ALA A 297 -7.69 -18.61 -9.77
C ALA A 297 -7.24 -19.70 -10.74
N SER A 298 -6.42 -19.30 -11.71
CA SER A 298 -5.90 -20.26 -12.66
C SER A 298 -4.99 -21.26 -11.94
N PRO A 299 -4.81 -22.46 -12.51
CA PRO A 299 -3.92 -23.42 -11.85
C PRO A 299 -2.51 -22.89 -11.67
N GLN A 300 -1.99 -22.13 -12.64
CA GLN A 300 -0.69 -21.50 -12.45
C GLN A 300 -0.72 -20.54 -11.26
N ASP A 301 -1.79 -19.76 -11.15
CA ASP A 301 -1.90 -18.83 -10.04
C ASP A 301 -1.98 -19.58 -8.72
N LEU A 302 -2.72 -20.68 -8.70
CA LEU A 302 -2.84 -21.50 -7.51
C LEU A 302 -1.52 -22.17 -7.15
N ALA A 303 -0.62 -22.33 -8.13
CA ALA A 303 0.69 -22.90 -7.84
C ALA A 303 1.49 -21.99 -6.92
N GLY A 304 1.37 -20.67 -7.08
CA GLY A 304 1.86 -19.75 -6.08
C GLY A 304 0.91 -19.69 -4.91
N GLY A 305 0.92 -18.60 -4.16
CA GLY A 305 0.09 -18.54 -2.99
C GLY A 305 -1.29 -17.97 -3.25
N TYR A 306 -1.65 -17.80 -4.51
CA TYR A 306 -2.89 -17.12 -4.86
C TYR A 306 -4.04 -18.11 -4.93
N THR A 307 -5.19 -17.75 -4.36
CA THR A 307 -6.28 -18.70 -4.19
C THR A 307 -7.64 -18.18 -4.62
N SER A 308 -7.72 -16.98 -5.17
CA SER A 308 -8.97 -16.34 -5.60
C SER A 308 -9.86 -15.98 -4.42
N SER A 309 -9.49 -16.40 -3.21
CA SER A 309 -10.14 -15.91 -2.02
C SER A 309 -9.37 -14.76 -1.41
N LEU A 310 -8.10 -14.59 -1.78
CA LEU A 310 -7.41 -13.35 -1.46
C LEU A 310 -8.06 -12.16 -2.15
N ALA A 311 -8.40 -12.31 -3.43
CA ALA A 311 -9.09 -11.22 -4.11
C ALA A 311 -10.45 -10.95 -3.48
N CYS A 312 -11.19 -12.01 -3.18
CA CYS A 312 -12.50 -11.85 -2.53
C CYS A 312 -12.35 -11.21 -1.16
N HIS A 313 -11.39 -11.68 -0.36
CA HIS A 313 -11.23 -11.15 0.97
C HIS A 313 -10.78 -9.69 0.95
N ARG A 314 -9.88 -9.34 0.04
CA ARG A 314 -9.45 -7.94 -0.06
C ARG A 314 -10.61 -7.05 -0.50
N ALA A 315 -11.39 -7.51 -1.48
CA ALA A 315 -12.51 -6.70 -1.95
C ALA A 315 -13.54 -6.51 -0.84
N LEU A 316 -13.81 -7.56 -0.06
CA LEU A 316 -14.76 -7.42 1.04
C LEU A 316 -14.20 -6.55 2.16
N GLN A 317 -12.90 -6.60 2.42
CA GLN A 317 -12.34 -5.76 3.46
C GLN A 317 -12.32 -4.30 3.07
N ASP A 318 -12.04 -4.00 1.79
CA ASP A 318 -12.13 -2.61 1.35
C ASP A 318 -13.57 -2.16 1.21
N ALA A 319 -14.50 -3.08 0.97
CA ALA A 319 -15.90 -2.68 0.89
C ALA A 319 -16.43 -2.25 2.26
N PHE A 320 -15.95 -2.89 3.33
CA PHE A 320 -16.45 -2.64 4.66
C PHE A 320 -15.46 -1.89 5.54
N SER A 321 -14.38 -1.33 4.96
CA SER A 321 -13.33 -0.70 5.76
C SER A 321 -13.86 0.49 6.53
N GLY A 322 -14.29 1.54 5.84
CA GLY A 322 -15.04 2.56 6.53
C GLY A 322 -16.40 2.77 5.93
N LEU A 323 -17.42 2.27 6.61
CA LEU A 323 -18.80 2.64 6.34
C LEU A 323 -19.42 3.34 7.53
N PHE A 324 -19.10 2.87 8.74
CA PHE A 324 -19.67 3.42 9.95
C PHE A 324 -18.76 4.50 10.52
N TRP A 325 -18.32 5.40 9.65
CA TRP A 325 -17.32 6.38 10.01
C TRP A 325 -17.47 7.62 9.14
N GLN A 326 -17.55 8.78 9.78
CA GLN A 326 -17.40 10.04 9.07
C GLN A 326 -16.47 10.88 9.91
N PRO A 327 -15.75 11.82 9.30
CA PRO A 327 -14.83 12.69 10.05
C PRO A 327 -15.55 13.55 11.07
N MET B 1 -4.93 -0.56 3.94
CA MET B 1 -6.32 -0.56 4.34
C MET B 1 -6.81 0.83 4.71
N TYR B 2 -8.02 1.19 4.28
CA TYR B 2 -8.48 2.56 4.43
C TYR B 2 -8.63 2.96 5.89
N HIS B 3 -9.17 2.08 6.72
CA HIS B 3 -9.49 2.42 8.10
C HIS B 3 -8.24 2.77 8.91
N ASN B 4 -7.06 2.44 8.42
CA ASN B 4 -5.80 2.83 9.04
C ASN B 4 -5.06 3.86 8.22
N SER B 5 -5.60 4.26 7.08
CA SER B 5 -4.84 5.02 6.11
C SER B 5 -4.62 6.45 6.59
N SER B 6 -3.68 7.11 5.93
CA SER B 6 -3.48 8.54 6.08
C SER B 6 -4.56 9.34 5.37
N GLN B 7 -5.24 8.73 4.40
CA GLN B 7 -6.39 9.37 3.77
C GLN B 7 -7.53 9.57 4.76
N LYS B 8 -7.77 8.59 5.62
CA LYS B 8 -8.76 8.76 6.67
C LYS B 8 -8.31 9.78 7.70
N ARG B 9 -7.04 9.75 8.07
CA ARG B 9 -6.53 10.55 9.18
C ARG B 9 -6.44 12.02 8.84
N HIS B 10 -5.98 12.37 7.65
CA HIS B 10 -5.71 13.75 7.30
C HIS B 10 -6.56 14.28 6.16
N TRP B 11 -6.71 13.52 5.09
CA TRP B 11 -7.43 13.98 3.90
C TRP B 11 -8.85 13.43 3.86
N THR B 12 -9.61 13.70 4.92
CA THR B 12 -11.03 13.38 4.93
C THR B 12 -11.68 14.36 5.88
N PHE B 13 -12.35 15.35 5.31
CA PHE B 13 -12.77 16.53 6.04
C PHE B 13 -14.26 16.46 6.36
N SER B 14 -14.63 17.19 7.40
CA SER B 14 -15.97 17.10 7.98
C SER B 14 -17.06 17.75 7.14
N SER B 15 -16.74 18.79 6.38
CA SER B 15 -17.78 19.47 5.61
C SER B 15 -17.12 20.19 4.43
N GLU B 16 -17.96 20.54 3.46
CA GLU B 16 -17.52 21.38 2.36
C GLU B 16 -17.06 22.75 2.83
N GLU B 17 -17.55 23.21 3.97
CA GLU B 17 -17.12 24.48 4.52
C GLU B 17 -15.64 24.44 4.87
N GLN B 18 -15.17 23.33 5.42
CA GLN B 18 -13.75 23.20 5.71
C GLN B 18 -12.91 23.18 4.44
N LEU B 19 -13.43 22.53 3.38
CA LEU B 19 -12.75 22.56 2.08
C LEU B 19 -12.67 23.99 1.55
N ALA B 20 -13.78 24.72 1.61
CA ALA B 20 -13.77 26.09 1.12
C ALA B 20 -12.86 26.96 1.97
N ARG B 21 -12.79 26.68 3.27
CA ARG B 21 -11.86 27.38 4.14
C ARG B 21 -10.43 27.14 3.70
N LEU B 22 -10.08 25.89 3.43
CA LEU B 22 -8.72 25.56 3.00
C LEU B 22 -8.38 26.23 1.68
N ARG B 23 -9.30 26.19 0.72
CA ARG B 23 -9.01 26.77 -0.59
C ARG B 23 -8.96 28.29 -0.53
N ALA B 24 -9.86 28.91 0.26
CA ALA B 24 -9.80 30.36 0.42
C ALA B 24 -8.55 30.77 1.16
N ASP B 25 -8.10 29.95 2.11
CA ASP B 25 -6.84 30.21 2.80
C ASP B 25 -5.66 30.15 1.84
N ALA B 26 -5.65 29.16 0.94
CA ALA B 26 -4.58 29.06 -0.05
C ALA B 26 -4.61 30.25 -1.02
N ASN B 27 -5.80 30.61 -1.49
CA ASN B 27 -5.93 31.75 -2.39
C ASN B 27 -5.50 33.04 -1.71
N ARG B 28 -5.92 33.24 -0.46
CA ARG B 28 -5.55 34.42 0.30
C ARG B 28 -4.06 34.44 0.55
N LYS B 29 -3.46 33.29 0.82
CA LYS B 29 -2.02 33.22 1.06
C LYS B 29 -1.26 33.65 -0.19
N PHE B 30 -1.67 33.15 -1.35
CA PHE B 30 -1.01 33.58 -2.58
C PHE B 30 -1.22 35.06 -2.82
N ARG B 31 -2.42 35.56 -2.57
CA ARG B 31 -2.72 36.97 -2.81
C ARG B 31 -1.89 37.87 -1.91
N CYS B 32 -1.81 37.52 -0.63
CA CYS B 32 -1.02 38.29 0.31
C CYS B 32 0.47 38.19 -0.02
N LYS B 33 0.92 37.02 -0.48
CA LYS B 33 2.31 36.86 -0.87
C LYS B 33 2.64 37.76 -2.04
N ALA B 34 1.72 37.86 -3.02
CA ALA B 34 1.96 38.72 -4.16
C ALA B 34 1.91 40.20 -3.77
N VAL B 35 1.00 40.57 -2.87
CA VAL B 35 0.87 41.97 -2.47
C VAL B 35 2.05 42.42 -1.62
N ALA B 36 2.40 41.63 -0.60
CA ALA B 36 3.45 42.04 0.33
C ALA B 36 4.82 42.13 -0.33
N ASN B 37 5.00 41.48 -1.49
CA ASN B 37 6.24 41.61 -2.26
C ASN B 37 5.94 42.52 -3.46
N GLY B 38 6.05 43.82 -3.23
CA GLY B 38 5.86 44.81 -4.28
C GLY B 38 4.52 44.74 -4.96
N PRO B 42 -2.58 46.48 -4.48
CA PRO B 42 -2.79 45.44 -3.46
C PRO B 42 -4.08 44.68 -3.69
N ASN B 43 -4.86 45.11 -4.70
CA ASN B 43 -6.13 44.49 -5.04
C ASN B 43 -6.25 44.32 -6.55
N ASP B 44 -5.17 43.94 -7.22
CA ASP B 44 -5.16 43.90 -8.68
C ASP B 44 -6.18 42.86 -9.17
N PRO B 45 -7.00 43.20 -10.16
CA PRO B 45 -7.96 42.23 -10.70
C PRO B 45 -7.34 41.10 -11.51
N VAL B 46 -6.01 41.05 -11.60
CA VAL B 46 -5.34 39.91 -12.22
C VAL B 46 -5.53 38.64 -11.41
N PHE B 47 -5.69 38.76 -10.09
CA PHE B 47 -5.84 37.60 -9.24
C PHE B 47 -7.12 36.85 -9.57
N LEU B 48 -7.16 35.59 -9.17
CA LEU B 48 -8.34 34.77 -9.30
C LEU B 48 -9.06 34.69 -7.97
N GLU B 49 -10.37 34.55 -8.04
CA GLU B 49 -11.17 34.34 -6.86
C GLU B 49 -11.18 32.85 -6.51
N PRO B 50 -11.53 32.50 -5.28
CA PRO B 50 -11.56 31.07 -4.93
C PRO B 50 -12.53 30.28 -5.79
N HIS B 51 -13.67 30.86 -6.17
CA HIS B 51 -14.64 30.13 -6.98
C HIS B 51 -14.17 30.01 -8.41
N GLU B 52 -13.51 31.04 -8.94
CA GLU B 52 -12.90 30.91 -10.26
C GLU B 52 -11.79 29.88 -10.24
N GLU B 53 -11.01 29.84 -9.16
CA GLU B 53 -10.00 28.81 -9.01
C GLU B 53 -10.65 27.43 -8.99
N MET B 54 -11.80 27.30 -8.34
CA MET B 54 -12.50 26.02 -8.33
C MET B 54 -13.02 25.66 -9.71
N THR B 55 -13.45 26.66 -10.49
CA THR B 55 -13.88 26.41 -11.85
C THR B 55 -12.72 25.89 -12.70
N LEU B 56 -11.56 26.54 -12.59
CA LEU B 56 -10.39 26.08 -13.32
C LEU B 56 -9.93 24.72 -12.83
N CYS B 57 -10.08 24.43 -11.55
CA CYS B 57 -9.73 23.11 -11.03
C CYS B 57 -10.65 22.05 -11.59
N LYS B 58 -11.95 22.34 -11.68
CA LYS B 58 -12.87 21.38 -12.29
C LYS B 58 -12.52 21.16 -13.75
N TYR B 59 -12.21 22.24 -14.46
CA TYR B 59 -11.85 22.12 -15.87
C TYR B 59 -10.60 21.26 -16.05
N TYR B 60 -9.57 21.52 -15.26
CA TYR B 60 -8.33 20.79 -15.47
C TYR B 60 -8.41 19.39 -14.88
N GLU B 61 -9.34 19.12 -13.96
CA GLU B 61 -9.59 17.73 -13.60
C GLU B 61 -10.29 17.01 -14.74
N LYS B 62 -11.19 17.68 -15.46
CA LYS B 62 -11.77 17.06 -16.65
C LYS B 62 -10.68 16.74 -17.67
N ARG B 63 -9.76 17.68 -17.87
CA ARG B 63 -8.67 17.42 -18.81
C ARG B 63 -7.75 16.32 -18.30
N LEU B 64 -7.62 16.19 -16.99
CA LEU B 64 -6.84 15.09 -16.42
C LEU B 64 -7.49 13.75 -16.70
N LEU B 65 -8.81 13.67 -16.55
CA LEU B 65 -9.51 12.45 -16.97
C LEU B 65 -9.32 12.19 -18.45
N GLU B 66 -9.39 13.23 -19.28
CA GLU B 66 -9.22 13.04 -20.71
C GLU B 66 -7.83 12.51 -21.05
N PHE B 67 -6.80 13.04 -20.37
CA PHE B 67 -5.44 12.59 -20.62
C PHE B 67 -5.24 11.16 -20.15
N CYS B 68 -5.69 10.85 -18.94
CA CYS B 68 -5.54 9.51 -18.41
C CYS B 68 -6.47 8.51 -19.10
N SER B 69 -7.39 8.99 -19.94
CA SER B 69 -8.25 8.11 -20.70
C SER B 69 -7.71 7.79 -22.09
N VAL B 70 -6.90 8.68 -22.66
CA VAL B 70 -6.32 8.49 -23.98
C VAL B 70 -4.85 8.08 -23.86
N PHE B 71 -4.38 7.87 -22.64
CA PHE B 71 -3.03 7.37 -22.40
C PHE B 71 -2.78 6.13 -23.26
N LYS B 72 -1.70 6.17 -24.05
CA LYS B 72 -1.49 5.14 -25.06
C LYS B 72 -1.40 3.75 -24.48
N PRO B 73 -0.58 3.47 -23.46
CA PRO B 73 -0.81 2.26 -22.68
C PRO B 73 -2.08 2.42 -21.87
N ALA B 74 -2.85 1.35 -21.79
CA ALA B 74 -4.14 1.41 -21.11
C ALA B 74 -3.90 1.63 -19.62
N MET B 75 -4.12 2.86 -19.17
CA MET B 75 -3.95 3.19 -17.77
C MET B 75 -5.03 2.53 -16.94
N PRO B 76 -4.67 1.81 -15.88
CA PRO B 76 -5.71 1.25 -15.00
C PRO B 76 -6.46 2.37 -14.30
N ARG B 77 -7.68 2.06 -13.90
CA ARG B 77 -8.57 3.08 -13.36
C ARG B 77 -8.21 3.48 -11.94
N SER B 78 -7.50 2.62 -11.19
CA SER B 78 -6.96 3.04 -9.91
C SER B 78 -5.93 4.14 -10.09
N VAL B 79 -5.11 4.06 -11.13
CA VAL B 79 -4.12 5.10 -11.39
C VAL B 79 -4.81 6.43 -11.69
N VAL B 80 -5.86 6.40 -12.51
CA VAL B 80 -6.58 7.63 -12.82
C VAL B 80 -7.23 8.20 -11.57
N GLY B 81 -7.84 7.35 -10.76
CA GLY B 81 -8.42 7.83 -9.51
C GLY B 81 -7.39 8.45 -8.59
N THR B 82 -6.22 7.82 -8.49
CA THR B 82 -5.14 8.36 -7.67
C THR B 82 -4.67 9.72 -8.19
N ALA B 83 -4.50 9.84 -9.51
CA ALA B 83 -4.04 11.11 -10.07
C ALA B 83 -5.05 12.21 -9.82
N CYS B 84 -6.34 11.91 -9.99
CA CYS B 84 -7.36 12.94 -9.75
C CYS B 84 -7.43 13.31 -8.28
N MET B 85 -7.27 12.34 -7.39
CA MET B 85 -7.24 12.64 -5.97
C MET B 85 -6.05 13.54 -5.64
N TYR B 86 -4.90 13.28 -6.24
CA TYR B 86 -3.75 14.15 -6.03
C TYR B 86 -4.03 15.56 -6.50
N PHE B 87 -4.65 15.70 -7.67
CA PHE B 87 -5.03 17.03 -8.16
C PHE B 87 -5.92 17.74 -7.15
N LYS B 88 -6.95 17.02 -6.66
CA LYS B 88 -7.89 17.61 -5.72
C LYS B 88 -7.19 18.11 -4.47
N ARG B 89 -6.30 17.29 -3.90
CA ARG B 89 -5.63 17.68 -2.66
C ARG B 89 -4.64 18.83 -2.90
N PHE B 90 -3.81 18.70 -3.92
CA PHE B 90 -2.82 19.73 -4.21
C PHE B 90 -3.49 21.08 -4.34
N TYR B 91 -4.61 21.14 -5.06
CA TYR B 91 -5.23 22.44 -5.21
C TYR B 91 -6.20 22.75 -4.08
N LEU B 92 -6.45 21.80 -3.19
CA LEU B 92 -7.07 22.13 -1.93
C LEU B 92 -6.16 23.01 -1.10
N ASN B 93 -4.87 22.71 -1.08
CA ASN B 93 -3.97 23.50 -0.24
C ASN B 93 -3.05 24.45 -1.00
N ASN B 94 -3.18 24.55 -2.33
CA ASN B 94 -2.34 25.43 -3.11
C ASN B 94 -3.17 26.19 -4.12
N SER B 95 -2.67 27.35 -4.54
CA SER B 95 -3.39 28.24 -5.42
C SER B 95 -3.06 27.97 -6.87
N VAL B 96 -4.10 27.97 -7.71
CA VAL B 96 -3.94 27.76 -9.13
C VAL B 96 -3.02 28.78 -9.79
N MET B 97 -2.96 30.00 -9.26
CA MET B 97 -2.11 31.02 -9.85
C MET B 97 -0.63 30.82 -9.54
N GLU B 98 -0.30 30.11 -8.46
CA GLU B 98 1.09 29.79 -8.20
C GLU B 98 1.59 28.68 -9.11
N TYR B 99 0.86 27.57 -9.19
CA TYR B 99 1.23 26.42 -10.00
C TYR B 99 0.15 26.17 -11.03
N HIS B 100 0.51 26.24 -12.30
CA HIS B 100 -0.47 26.07 -13.36
C HIS B 100 -1.06 24.67 -13.31
N PRO B 101 -2.39 24.54 -13.44
CA PRO B 101 -3.00 23.22 -13.31
C PRO B 101 -2.70 22.26 -14.43
N ARG B 102 -2.17 22.71 -15.57
CA ARG B 102 -1.82 21.73 -16.60
C ARG B 102 -0.53 21.00 -16.25
N ILE B 103 0.47 21.73 -15.77
CA ILE B 103 1.69 21.07 -15.34
C ILE B 103 1.43 20.21 -14.12
N ILE B 104 0.62 20.69 -13.18
CA ILE B 104 0.31 19.90 -12.00
C ILE B 104 -0.60 18.73 -12.37
N MET B 105 -1.43 18.90 -13.39
CA MET B 105 -2.21 17.81 -13.93
C MET B 105 -1.29 16.67 -14.40
N LEU B 106 -0.32 17.02 -15.23
CA LEU B 106 0.61 16.03 -15.75
C LEU B 106 1.46 15.44 -14.63
N THR B 107 1.86 16.28 -13.68
CA THR B 107 2.68 15.80 -12.56
C THR B 107 1.91 14.86 -11.66
N CYS B 108 0.64 15.15 -11.43
CA CYS B 108 -0.21 14.23 -10.66
C CYS B 108 -0.37 12.91 -11.38
N ALA B 109 -0.57 12.96 -12.70
CA ALA B 109 -0.63 11.72 -13.48
C ALA B 109 0.67 10.95 -13.37
N PHE B 110 1.80 11.65 -13.47
CA PHE B 110 3.12 11.02 -13.39
C PHE B 110 3.33 10.34 -12.05
N LEU B 111 3.04 11.06 -10.97
CA LEU B 111 3.24 10.49 -9.64
C LEU B 111 2.24 9.39 -9.36
N ALA B 112 1.05 9.45 -9.93
CA ALA B 112 0.10 8.35 -9.75
C ALA B 112 0.57 7.13 -10.49
N CYS B 113 1.15 7.31 -11.68
CA CYS B 113 1.71 6.19 -12.42
C CYS B 113 2.84 5.56 -11.65
N LYS B 114 3.59 6.35 -10.87
CA LYS B 114 4.73 5.80 -10.15
C LYS B 114 4.31 5.20 -8.80
N VAL B 115 3.40 5.86 -8.08
CA VAL B 115 3.00 5.39 -6.76
C VAL B 115 2.19 4.11 -6.87
N ASP B 116 1.17 4.11 -7.72
CA ASP B 116 0.68 2.85 -8.23
C ASP B 116 1.77 2.23 -9.10
N GLU B 117 1.70 0.92 -9.28
CA GLU B 117 2.79 0.24 -9.97
C GLU B 117 2.52 0.09 -11.45
N PHE B 118 1.90 1.09 -12.06
CA PHE B 118 1.74 1.15 -13.51
C PHE B 118 3.07 1.66 -14.08
N ASN B 119 3.93 0.72 -14.47
CA ASN B 119 5.30 1.05 -14.83
C ASN B 119 5.34 1.64 -16.23
N VAL B 120 5.56 2.95 -16.32
CA VAL B 120 5.64 3.64 -17.59
C VAL B 120 6.91 4.47 -17.61
N SER B 121 7.69 4.34 -18.67
CA SER B 121 8.89 5.14 -18.86
C SER B 121 8.51 6.57 -19.21
N SER B 122 9.38 7.50 -18.81
CA SER B 122 9.18 8.92 -19.03
C SER B 122 9.04 9.28 -20.51
N PRO B 123 9.84 8.72 -21.43
CA PRO B 123 9.59 8.99 -22.85
C PRO B 123 8.20 8.58 -23.31
N GLN B 124 7.70 7.44 -22.84
CA GLN B 124 6.32 7.06 -23.15
C GLN B 124 5.34 8.07 -22.58
N PHE B 125 5.54 8.43 -21.30
CA PHE B 125 4.59 9.31 -20.63
C PHE B 125 4.50 10.65 -21.33
N VAL B 126 5.63 11.18 -21.80
CA VAL B 126 5.56 12.45 -22.51
C VAL B 126 5.16 12.25 -23.96
N GLY B 127 5.34 11.04 -24.50
CA GLY B 127 4.80 10.76 -25.82
C GLY B 127 3.29 10.74 -25.83
N ASN B 128 2.67 10.50 -24.69
CA ASN B 128 1.23 10.62 -24.55
C ASN B 128 0.73 12.05 -24.60
N LEU B 129 1.60 13.03 -24.89
CA LEU B 129 1.22 14.43 -24.94
C LEU B 129 1.14 14.91 -26.37
N ARG B 130 0.04 15.59 -26.71
CA ARG B 130 -0.19 16.07 -28.07
C ARG B 130 0.59 17.38 -28.30
N GLU B 131 1.90 17.27 -28.12
CA GLU B 131 2.82 18.37 -28.35
C GLU B 131 4.00 17.85 -29.16
N SER B 132 4.77 18.79 -29.69
CA SER B 132 5.95 18.42 -30.46
C SER B 132 6.97 17.75 -29.55
N PRO B 133 7.88 16.95 -30.11
CA PRO B 133 8.93 16.37 -29.27
C PRO B 133 9.70 17.38 -28.44
N LEU B 134 9.92 18.59 -28.97
CA LEU B 134 10.44 19.67 -28.13
C LEU B 134 9.48 19.98 -26.99
N GLY B 135 8.20 20.11 -27.30
CA GLY B 135 7.21 20.35 -26.26
C GLY B 135 7.13 19.21 -25.27
N GLN B 136 7.28 17.98 -25.75
CA GLN B 136 7.29 16.84 -24.83
C GLN B 136 8.48 16.89 -23.90
N GLU B 137 9.66 17.23 -24.42
CA GLU B 137 10.84 17.34 -23.57
C GLU B 137 10.66 18.42 -22.52
N LYS B 138 10.13 19.57 -22.92
CA LYS B 138 9.93 20.65 -21.96
C LYS B 138 8.87 20.28 -20.93
N ALA B 139 7.82 19.58 -21.36
CA ALA B 139 6.80 19.14 -20.42
C ALA B 139 7.36 18.14 -19.42
N LEU B 140 8.25 17.25 -19.88
CA LEU B 140 8.91 16.34 -18.95
C LEU B 140 9.77 17.10 -17.96
N GLU B 141 10.50 18.12 -18.44
CA GLU B 141 11.31 18.92 -17.53
C GLU B 141 10.44 19.54 -16.44
N GLN B 142 9.31 20.13 -16.84
CA GLN B 142 8.42 20.73 -15.86
C GLN B 142 7.84 19.71 -14.90
N ILE B 143 7.48 18.53 -15.40
CA ILE B 143 6.93 17.49 -14.54
C ILE B 143 7.95 17.10 -13.49
N LEU B 144 9.20 16.93 -13.88
CA LEU B 144 10.22 16.55 -12.92
C LEU B 144 10.50 17.67 -11.93
N GLU B 145 10.43 18.92 -12.38
CA GLU B 145 10.57 20.04 -11.47
C GLU B 145 9.50 20.03 -10.41
N TYR B 146 8.26 19.71 -10.80
CA TYR B 146 7.12 19.84 -9.93
C TYR B 146 6.77 18.57 -9.17
N GLU B 147 7.47 17.46 -9.44
CA GLU B 147 7.11 16.20 -8.79
C GLU B 147 7.37 16.25 -7.29
N LEU B 148 8.55 16.72 -6.89
CA LEU B 148 8.83 16.86 -5.47
C LEU B 148 7.89 17.84 -4.79
N LEU B 149 7.56 18.94 -5.46
CA LEU B 149 6.59 19.87 -4.89
C LEU B 149 5.24 19.20 -4.67
N LEU B 150 4.80 18.40 -5.65
CA LEU B 150 3.54 17.70 -5.48
C LEU B 150 3.59 16.76 -4.29
N ILE B 151 4.69 16.00 -4.15
CA ILE B 151 4.79 15.08 -3.02
C ILE B 151 4.87 15.81 -1.69
N GLN B 152 5.53 16.95 -1.64
CA GLN B 152 5.57 17.75 -0.41
C GLN B 152 4.18 18.26 -0.05
N GLN B 153 3.45 18.76 -1.04
CA GLN B 153 2.12 19.31 -0.81
C GLN B 153 1.09 18.26 -0.45
N LEU B 154 1.35 17.00 -0.76
CA LEU B 154 0.51 15.91 -0.29
C LEU B 154 0.88 15.46 1.11
N ASN B 155 1.84 16.12 1.75
CA ASN B 155 2.36 15.74 3.05
C ASN B 155 2.91 14.32 3.04
N PHE B 156 3.40 13.90 1.87
CA PHE B 156 3.99 12.57 1.70
C PHE B 156 2.99 11.46 2.00
N HIS B 157 1.72 11.73 1.77
CA HIS B 157 0.66 10.73 1.86
C HIS B 157 0.30 10.33 0.44
N LEU B 158 0.95 9.28 -0.05
CA LEU B 158 0.85 8.91 -1.45
C LEU B 158 -0.16 7.83 -1.74
N ILE B 159 -0.62 7.08 -0.74
CA ILE B 159 -1.59 6.01 -0.93
C ILE B 159 -2.98 6.62 -0.93
N VAL B 160 -3.67 6.50 -2.06
CA VAL B 160 -5.05 6.94 -2.21
C VAL B 160 -5.92 5.71 -2.33
N HIS B 161 -7.01 5.69 -1.57
CA HIS B 161 -7.97 4.61 -1.63
C HIS B 161 -9.15 5.03 -2.48
N ASN B 162 -9.34 4.32 -3.59
CA ASN B 162 -10.36 4.61 -4.59
C ASN B 162 -11.61 3.79 -4.32
N PRO B 163 -12.78 4.28 -4.71
CA PRO B 163 -14.02 3.53 -4.47
C PRO B 163 -14.20 2.29 -5.32
N TYR B 164 -13.26 1.97 -6.21
CA TYR B 164 -13.49 0.89 -7.18
C TYR B 164 -13.39 -0.48 -6.52
N ARG B 165 -12.43 -0.67 -5.64
CA ARG B 165 -12.30 -1.97 -5.00
C ARG B 165 -13.43 -2.19 -3.99
N PRO B 166 -13.80 -1.20 -3.17
CA PRO B 166 -15.04 -1.37 -2.40
C PRO B 166 -16.27 -1.56 -3.25
N PHE B 167 -16.33 -0.95 -4.44
CA PHE B 167 -17.43 -1.21 -5.36
C PHE B 167 -17.49 -2.69 -5.73
N GLU B 168 -16.35 -3.27 -6.10
CA GLU B 168 -16.33 -4.68 -6.46
C GLU B 168 -16.66 -5.56 -5.26
N GLY B 169 -16.16 -5.20 -4.09
CA GLY B 169 -16.43 -6.00 -2.90
C GLY B 169 -17.89 -5.96 -2.49
N PHE B 170 -18.52 -4.79 -2.61
CA PHE B 170 -19.94 -4.69 -2.38
C PHE B 170 -20.71 -5.52 -3.40
N LEU B 171 -20.28 -5.51 -4.66
CA LEU B 171 -20.95 -6.34 -5.67
C LEU B 171 -20.84 -7.82 -5.33
N ILE B 172 -19.68 -8.26 -4.86
CA ILE B 172 -19.51 -9.66 -4.47
C ILE B 172 -20.44 -10.00 -3.30
N ASP B 173 -20.40 -9.18 -2.26
CA ASP B 173 -21.25 -9.42 -1.09
C ASP B 173 -22.73 -9.36 -1.45
N LEU B 174 -23.06 -8.56 -2.46
CA LEU B 174 -24.44 -8.37 -2.86
C LEU B 174 -24.94 -9.55 -3.67
N LYS B 175 -24.08 -10.11 -4.53
CA LYS B 175 -24.44 -11.34 -5.22
C LYS B 175 -24.51 -12.51 -4.25
N THR B 176 -23.76 -12.44 -3.17
CA THR B 176 -23.69 -13.57 -2.25
C THR B 176 -24.85 -13.58 -1.26
N ARG B 177 -24.98 -12.54 -0.44
CA ARG B 177 -25.92 -12.54 0.68
C ARG B 177 -27.21 -11.81 0.40
N TYR B 178 -27.44 -11.36 -0.83
CA TYR B 178 -28.63 -10.61 -1.18
C TYR B 178 -29.30 -11.29 -2.36
N PRO B 179 -29.98 -12.41 -2.12
CA PRO B 179 -30.65 -13.12 -3.22
C PRO B 179 -31.82 -12.36 -3.80
N ILE B 180 -32.37 -11.38 -3.09
CA ILE B 180 -33.49 -10.60 -3.61
C ILE B 180 -33.10 -9.93 -4.92
N LEU B 181 -31.88 -9.42 -4.96
CA LEU B 181 -31.35 -8.82 -6.18
C LEU B 181 -30.84 -9.90 -7.12
N GLU B 182 -31.27 -9.84 -8.38
CA GLU B 182 -30.80 -10.76 -9.40
C GLU B 182 -30.01 -9.96 -10.43
N ASN B 183 -28.84 -10.45 -10.80
CA ASN B 183 -27.99 -9.81 -11.79
C ASN B 183 -27.63 -8.39 -11.37
N PRO B 184 -26.75 -8.22 -10.39
CA PRO B 184 -26.38 -6.87 -9.96
C PRO B 184 -25.44 -6.12 -10.90
N GLU B 185 -25.32 -6.55 -12.17
CA GLU B 185 -24.41 -5.87 -13.08
C GLU B 185 -25.07 -4.74 -13.87
N ILE B 186 -26.41 -4.74 -13.98
CA ILE B 186 -27.09 -3.52 -14.41
C ILE B 186 -26.72 -2.40 -13.45
N LEU B 187 -26.73 -2.72 -12.16
CA LEU B 187 -26.21 -1.79 -11.16
C LEU B 187 -24.76 -1.44 -11.46
N ARG B 188 -23.99 -2.39 -12.02
CA ARG B 188 -22.59 -2.08 -12.31
C ARG B 188 -22.47 -0.96 -13.32
N LYS B 189 -23.23 -1.04 -14.42
CA LYS B 189 -23.17 0.02 -15.42
C LYS B 189 -23.64 1.36 -14.84
N THR B 190 -24.81 1.36 -14.21
CA THR B 190 -25.33 2.65 -13.73
C THR B 190 -24.48 3.21 -12.60
N ALA B 191 -23.89 2.34 -11.78
CA ALA B 191 -23.05 2.80 -10.68
C ALA B 191 -21.70 3.26 -11.19
N ASP B 192 -21.22 2.72 -12.31
CA ASP B 192 -20.07 3.32 -12.96
C ASP B 192 -20.38 4.75 -13.36
N ASP B 193 -21.56 4.98 -13.95
CA ASP B 193 -21.95 6.33 -14.32
C ASP B 193 -21.97 7.24 -13.09
N PHE B 194 -22.64 6.80 -12.02
CA PHE B 194 -22.75 7.64 -10.84
C PHE B 194 -21.40 7.83 -10.17
N LEU B 195 -20.52 6.84 -10.27
CA LEU B 195 -19.21 6.95 -9.64
C LEU B 195 -18.34 7.95 -10.37
N ASN B 196 -18.43 8.00 -11.70
CA ASN B 196 -17.78 9.05 -12.44
C ASN B 196 -18.33 10.42 -12.03
N ARG B 197 -19.65 10.53 -11.99
CA ARG B 197 -20.29 11.79 -11.57
C ARG B 197 -19.77 12.25 -10.22
N ILE B 198 -19.68 11.32 -9.27
CA ILE B 198 -19.31 11.66 -7.91
C ILE B 198 -17.83 11.90 -7.79
N ALA B 199 -17.01 11.31 -8.66
CA ALA B 199 -15.60 11.66 -8.74
C ALA B 199 -15.39 13.06 -9.29
N LEU B 200 -16.32 13.57 -10.08
CA LEU B 200 -16.22 14.95 -10.54
C LEU B 200 -16.33 15.96 -9.42
N THR B 201 -16.99 15.62 -8.33
CA THR B 201 -17.23 16.56 -7.23
C THR B 201 -16.14 16.41 -6.17
N ASP B 202 -16.32 17.10 -5.04
CA ASP B 202 -15.36 17.06 -3.94
C ASP B 202 -15.71 16.01 -2.90
N ALA B 203 -16.45 14.96 -3.27
CA ALA B 203 -16.86 13.96 -2.32
C ALA B 203 -15.74 13.02 -1.91
N TYR B 204 -14.66 12.97 -2.69
CA TYR B 204 -13.53 12.12 -2.35
C TYR B 204 -12.81 12.59 -1.10
N LEU B 205 -12.89 13.88 -0.78
CA LEU B 205 -12.31 14.45 0.42
C LEU B 205 -13.27 14.44 1.60
N LEU B 206 -14.51 14.01 1.40
CA LEU B 206 -15.51 14.13 2.44
C LEU B 206 -16.09 12.82 2.91
N TYR B 207 -15.99 11.74 2.13
CA TYR B 207 -16.57 10.47 2.51
C TYR B 207 -15.57 9.36 2.23
N THR B 208 -15.74 8.26 2.93
CA THR B 208 -14.88 7.12 2.72
C THR B 208 -15.17 6.51 1.34
N PRO B 209 -14.18 5.86 0.73
CA PRO B 209 -14.45 5.18 -0.55
C PRO B 209 -15.52 4.12 -0.43
N SER B 210 -15.63 3.46 0.72
CA SER B 210 -16.71 2.49 0.92
C SER B 210 -18.07 3.17 0.84
N GLN B 211 -18.21 4.32 1.49
CA GLN B 211 -19.47 5.03 1.44
C GLN B 211 -19.77 5.53 0.04
N ILE B 212 -18.74 5.96 -0.70
CA ILE B 212 -18.94 6.41 -2.07
C ILE B 212 -19.42 5.25 -2.94
N ALA B 213 -18.81 4.08 -2.78
CA ALA B 213 -19.22 2.91 -3.55
C ALA B 213 -20.63 2.48 -3.20
N LEU B 214 -20.97 2.46 -1.91
CA LEU B 214 -22.31 2.07 -1.51
C LEU B 214 -23.35 3.06 -2.02
N THR B 215 -23.01 4.34 -2.02
CA THR B 215 -23.94 5.32 -2.56
C THR B 215 -24.12 5.14 -4.06
N ALA B 216 -23.05 4.84 -4.78
CA ALA B 216 -23.21 4.56 -6.20
C ALA B 216 -24.12 3.36 -6.42
N ILE B 217 -23.92 2.30 -5.65
CA ILE B 217 -24.70 1.09 -5.86
C ILE B 217 -26.17 1.33 -5.55
N LEU B 218 -26.44 1.92 -4.38
CA LEU B 218 -27.83 2.14 -4.00
C LEU B 218 -28.50 3.18 -4.86
N SER B 219 -27.74 4.14 -5.39
CA SER B 219 -28.31 5.08 -6.35
C SER B 219 -28.70 4.39 -7.64
N SER B 220 -27.86 3.47 -8.12
CA SER B 220 -28.22 2.70 -9.31
C SER B 220 -29.45 1.85 -9.07
N ALA B 221 -29.55 1.24 -7.90
CA ALA B 221 -30.75 0.49 -7.56
C ALA B 221 -31.98 1.38 -7.57
N SER B 222 -31.89 2.54 -6.92
CA SER B 222 -33.04 3.44 -6.85
C SER B 222 -33.45 3.92 -8.24
N ARG B 223 -32.48 4.19 -9.10
CA ARG B 223 -32.81 4.56 -10.48
C ARG B 223 -33.44 3.39 -11.23
N ALA B 224 -33.00 2.17 -10.95
CA ALA B 224 -33.56 1.00 -11.62
C ALA B 224 -34.76 0.43 -10.89
N GLY B 225 -35.25 1.09 -9.84
CA GLY B 225 -36.45 0.67 -9.16
C GLY B 225 -36.26 -0.42 -8.12
N ILE B 226 -35.03 -0.80 -7.82
CA ILE B 226 -34.78 -1.80 -6.78
C ILE B 226 -34.71 -1.10 -5.43
N THR B 227 -35.37 -1.70 -4.44
CA THR B 227 -35.21 -1.28 -3.05
C THR B 227 -34.18 -2.18 -2.38
N MET B 228 -33.20 -1.56 -1.74
CA MET B 228 -32.14 -2.31 -1.10
C MET B 228 -31.95 -1.88 0.34
N GLU B 229 -33.05 -1.58 1.01
CA GLU B 229 -33.03 -1.34 2.44
C GLU B 229 -32.83 -2.61 3.25
N SER B 230 -33.22 -3.77 2.70
CA SER B 230 -32.91 -5.03 3.36
C SER B 230 -31.42 -5.35 3.29
N TYR B 231 -30.69 -4.76 2.35
CA TYR B 231 -29.25 -4.94 2.36
C TYR B 231 -28.57 -4.05 3.37
N LEU B 232 -29.19 -2.94 3.75
CA LEU B 232 -28.63 -2.12 4.82
C LEU B 232 -29.06 -2.65 6.19
N SER B 233 -30.36 -2.75 6.44
CA SER B 233 -30.82 -3.20 7.75
C SER B 233 -30.39 -4.63 8.03
N GLU B 234 -30.71 -5.55 7.12
CA GLU B 234 -30.18 -6.91 7.18
C GLU B 234 -28.93 -6.98 6.31
N SER B 235 -28.18 -8.06 6.48
CA SER B 235 -27.00 -8.34 5.65
C SER B 235 -25.90 -7.30 5.87
N LEU B 236 -26.20 -6.27 6.64
CA LEU B 236 -25.21 -5.35 7.19
C LEU B 236 -25.48 -5.11 8.66
N MET B 237 -26.53 -5.71 9.21
CA MET B 237 -26.88 -5.64 10.62
C MET B 237 -26.97 -4.20 11.10
N LEU B 238 -27.61 -3.36 10.29
CA LEU B 238 -28.02 -2.04 10.73
C LEU B 238 -29.45 -2.03 11.23
N LYS B 239 -30.08 -3.21 11.34
CA LYS B 239 -31.41 -3.32 11.92
C LYS B 239 -31.41 -3.00 13.41
N GLU B 240 -30.28 -3.15 14.09
CA GLU B 240 -30.21 -2.99 15.53
C GLU B 240 -29.59 -1.67 15.98
N ASN B 241 -28.45 -1.29 15.43
CA ASN B 241 -27.88 0.04 15.67
C ASN B 241 -28.59 0.97 14.70
N ARG B 242 -29.79 1.41 15.09
CA ARG B 242 -30.58 2.30 14.24
C ARG B 242 -29.84 3.60 13.96
N THR B 243 -29.11 4.11 14.95
CA THR B 243 -28.39 5.36 14.75
C THR B 243 -27.33 5.21 13.66
N CYS B 244 -26.68 4.05 13.60
CA CYS B 244 -25.70 3.82 12.54
C CYS B 244 -26.37 3.76 11.18
N LEU B 245 -27.54 3.13 11.10
CA LEU B 245 -28.26 3.06 9.82
C LEU B 245 -28.67 4.45 9.36
N SER B 246 -29.22 5.26 10.25
CA SER B 246 -29.63 6.61 9.89
C SER B 246 -28.43 7.48 9.54
N GLN B 247 -27.31 7.26 10.23
CA GLN B 247 -26.07 7.97 9.92
C GLN B 247 -25.59 7.63 8.52
N LEU B 248 -25.59 6.35 8.16
CA LEU B 248 -25.20 5.95 6.81
C LEU B 248 -26.15 6.53 5.78
N LEU B 249 -27.45 6.49 6.04
CA LEU B 249 -28.42 7.06 5.11
C LEU B 249 -28.21 8.55 4.94
N ASP B 250 -27.89 9.26 6.02
CA ASP B 250 -27.60 10.69 5.90
C ASP B 250 -26.35 10.92 5.08
N ILE B 251 -25.31 10.12 5.28
CA ILE B 251 -24.11 10.23 4.47
C ILE B 251 -24.44 10.05 3.00
N MET B 252 -25.23 9.02 2.69
CA MET B 252 -25.57 8.72 1.31
C MET B 252 -26.43 9.81 0.68
N LYS B 253 -27.43 10.30 1.42
CA LYS B 253 -28.26 11.38 0.93
C LYS B 253 -27.45 12.65 0.72
N SER B 254 -26.59 12.98 1.67
CA SER B 254 -25.74 14.15 1.53
C SER B 254 -24.88 14.06 0.28
N MET B 255 -24.30 12.90 0.03
CA MET B 255 -23.41 12.78 -1.12
C MET B 255 -24.17 12.71 -2.42
N ARG B 256 -25.36 12.11 -2.41
CA ARG B 256 -26.21 12.16 -3.60
C ARG B 256 -26.59 13.59 -3.94
N ASN B 257 -26.99 14.38 -2.93
CA ASN B 257 -27.30 15.79 -3.18
C ASN B 257 -26.07 16.54 -3.64
N LEU B 258 -24.91 16.16 -3.11
CA LEU B 258 -23.66 16.81 -3.51
C LEU B 258 -23.39 16.59 -4.99
N VAL B 259 -23.67 15.40 -5.48
CA VAL B 259 -23.60 15.17 -6.93
C VAL B 259 -24.71 15.91 -7.65
N LYS B 260 -25.87 16.09 -7.01
CA LYS B 260 -26.99 16.78 -7.65
C LYS B 260 -26.66 18.24 -7.93
N LYS B 261 -26.02 18.92 -6.98
CA LYS B 261 -25.77 20.35 -7.11
C LYS B 261 -24.50 20.68 -7.86
N TYR B 262 -23.73 19.69 -8.29
CA TYR B 262 -22.51 19.96 -9.03
C TYR B 262 -22.84 20.60 -10.37
N GLU B 263 -22.21 21.75 -10.64
CA GLU B 263 -22.39 22.46 -11.89
C GLU B 263 -21.09 22.40 -12.68
N PRO B 264 -21.08 21.76 -13.85
CA PRO B 264 -19.82 21.59 -14.57
C PRO B 264 -19.26 22.92 -15.01
N PRO B 265 -17.95 23.04 -15.15
CA PRO B 265 -17.37 24.29 -15.65
C PRO B 265 -17.89 24.62 -17.02
N ARG B 266 -18.07 25.91 -17.27
CA ARG B 266 -18.72 26.38 -18.48
C ARG B 266 -17.75 26.28 -19.66
N SER B 267 -18.13 26.88 -20.78
CA SER B 267 -17.22 27.00 -21.92
C SER B 267 -16.69 28.40 -22.09
N GLU B 268 -17.54 29.42 -21.92
CA GLU B 268 -17.06 30.79 -21.97
C GLU B 268 -16.32 31.16 -20.69
N GLU B 269 -16.87 30.75 -19.54
CA GLU B 269 -16.22 31.07 -18.27
C GLU B 269 -14.85 30.44 -18.17
N VAL B 270 -14.71 29.19 -18.62
CA VAL B 270 -13.42 28.52 -18.58
C VAL B 270 -12.44 29.20 -19.54
N ALA B 271 -12.92 29.67 -20.69
CA ALA B 271 -12.05 30.41 -21.58
C ALA B 271 -11.52 31.68 -20.92
N VAL B 272 -12.42 32.44 -20.29
CA VAL B 272 -12.00 33.69 -19.65
C VAL B 272 -11.06 33.40 -18.50
N LEU B 273 -11.34 32.35 -17.72
CA LEU B 273 -10.48 32.02 -16.60
C LEU B 273 -9.12 31.54 -17.05
N LYS B 274 -9.06 30.76 -18.12
CA LYS B 274 -7.77 30.34 -18.66
C LYS B 274 -6.96 31.54 -19.12
N GLN B 275 -7.61 32.49 -19.81
CA GLN B 275 -6.87 33.66 -20.28
C GLN B 275 -6.36 34.50 -19.10
N LYS B 276 -7.21 34.70 -18.09
CA LYS B 276 -6.78 35.48 -16.93
C LYS B 276 -5.69 34.76 -16.15
N LEU B 277 -5.78 33.45 -16.05
CA LEU B 277 -4.74 32.67 -15.37
C LEU B 277 -3.42 32.73 -16.12
N GLU B 278 -3.45 32.65 -17.45
CA GLU B 278 -2.19 32.72 -18.19
C GLU B 278 -1.62 34.13 -18.12
N ARG B 279 -2.48 35.14 -17.99
CA ARG B 279 -1.95 36.49 -17.76
C ARG B 279 -1.35 36.62 -16.38
N CYS B 280 -1.92 35.92 -15.39
CA CYS B 280 -1.35 35.93 -14.05
C CYS B 280 -0.02 35.18 -14.00
N HIS B 281 0.10 34.11 -14.78
CA HIS B 281 1.33 33.34 -14.80
C HIS B 281 2.42 34.02 -15.61
N SER B 282 2.05 34.66 -16.71
CA SER B 282 3.05 35.37 -17.52
C SER B 282 3.65 36.52 -16.73
N ALA B 283 2.82 37.29 -16.04
CA ALA B 283 3.25 38.41 -15.23
C ALA B 283 3.34 37.91 -13.79
N GLU B 284 4.51 37.41 -13.41
CA GLU B 284 4.73 36.84 -12.09
C GLU B 284 5.36 37.85 -11.14
N LYS C 55 18.73 22.31 9.24
CA LYS C 55 17.60 23.18 9.55
C LYS C 55 16.77 22.63 10.72
N ARG C 56 16.55 21.32 10.74
CA ARG C 56 15.87 20.68 11.87
C ARG C 56 16.58 19.42 12.35
N TYR C 57 17.39 18.78 11.53
CA TYR C 57 18.14 17.60 11.91
C TYR C 57 19.62 17.85 11.71
N GLU C 58 20.43 17.45 12.68
CA GLU C 58 21.88 17.57 12.61
C GLU C 58 22.49 16.18 12.43
N LYS C 59 23.41 16.07 11.47
CA LYS C 59 24.11 14.81 11.27
C LYS C 59 25.01 14.51 12.48
N LEU C 60 25.11 13.23 12.82
CA LEU C 60 25.93 12.74 13.92
C LEU C 60 26.92 11.68 13.47
N ASP C 61 26.55 10.81 12.55
CA ASP C 61 27.44 9.74 12.13
C ASP C 61 27.14 9.38 10.68
N PHE C 62 28.12 8.74 10.04
CA PHE C 62 28.09 8.37 8.64
C PHE C 62 27.75 6.89 8.55
N LEU C 63 26.46 6.56 8.75
CA LEU C 63 26.08 5.16 8.95
C LEU C 63 26.44 4.30 7.76
N GLY C 64 26.18 4.76 6.55
CA GLY C 64 26.65 4.00 5.40
C GLY C 64 25.86 4.33 4.15
N GLU C 65 25.93 3.41 3.19
CA GLU C 65 25.19 3.57 1.94
C GLU C 65 24.55 2.26 1.54
N GLY C 66 23.43 2.37 0.83
CA GLY C 66 22.93 1.34 -0.03
C GLY C 66 22.94 1.86 -1.46
N GLN C 67 22.71 0.95 -2.40
CA GLN C 67 22.88 1.26 -3.81
C GLN C 67 21.95 2.38 -4.27
N PHE C 68 21.04 2.82 -3.40
CA PHE C 68 20.18 3.95 -3.72
C PHE C 68 20.01 4.94 -2.58
N ALA C 69 20.82 4.86 -1.52
CA ALA C 69 20.63 5.75 -0.39
C ALA C 69 21.93 5.94 0.36
N THR C 70 22.01 7.03 1.09
CA THR C 70 23.07 7.31 2.04
C THR C 70 22.42 7.57 3.39
N VAL C 71 22.75 6.76 4.38
CA VAL C 71 22.12 6.80 5.68
C VAL C 71 23.09 7.42 6.68
N TYR C 72 22.63 8.46 7.35
CA TYR C 72 23.37 9.14 8.40
C TYR C 72 22.57 9.12 9.68
N LYS C 73 23.23 8.81 10.78
CA LYS C 73 22.63 9.02 12.09
C LYS C 73 22.44 10.50 12.28
N ALA C 74 21.37 10.89 12.97
CA ALA C 74 21.09 12.31 13.11
C ALA C 74 20.30 12.52 14.37
N ARG C 75 20.20 13.78 14.77
CA ARG C 75 19.41 14.14 15.92
C ARG C 75 18.56 15.34 15.56
N ASP C 76 17.28 15.29 15.92
CA ASP C 76 16.39 16.41 15.66
C ASP C 76 16.49 17.44 16.77
N LYS C 77 16.39 18.70 16.38
CA LYS C 77 16.49 19.79 17.34
C LYS C 77 15.18 20.06 18.04
N ASN C 78 14.17 19.20 17.87
CA ASN C 78 12.86 19.42 18.43
C ASN C 78 12.52 18.42 19.53
N THR C 79 13.13 17.24 19.51
CA THR C 79 12.76 16.18 20.44
C THR C 79 13.99 15.46 20.99
N ASN C 80 15.20 15.90 20.62
CA ASN C 80 16.50 15.31 20.92
C ASN C 80 16.41 13.79 20.90
N GLN C 81 15.69 13.27 19.92
CA GLN C 81 15.61 11.83 19.66
C GLN C 81 16.54 11.51 18.51
N ILE C 82 17.23 10.38 18.61
CA ILE C 82 18.22 10.00 17.61
C ILE C 82 17.53 9.22 16.51
N VAL C 83 17.64 9.70 15.28
CA VAL C 83 16.97 9.13 14.13
C VAL C 83 18.03 8.70 13.12
N ALA C 84 17.56 8.09 12.04
CA ALA C 84 18.40 7.77 10.89
C ALA C 84 17.81 8.43 9.66
N ILE C 85 18.54 9.38 9.11
CA ILE C 85 18.14 10.08 7.90
C ILE C 85 18.70 9.32 6.71
N LYS C 86 17.92 9.23 5.65
CA LYS C 86 18.25 8.46 4.47
C LYS C 86 18.07 9.37 3.26
N LYS C 87 19.17 9.89 2.72
CA LYS C 87 19.14 10.71 1.51
C LYS C 87 19.21 9.80 0.30
N ILE C 88 18.43 10.12 -0.72
CA ILE C 88 18.41 9.32 -1.95
C ILE C 88 19.19 10.06 -3.03
N LYS C 89 19.99 9.30 -3.78
CA LYS C 89 20.81 9.86 -4.85
C LYS C 89 19.96 10.19 -6.07
N LEU C 90 20.64 10.55 -7.15
CA LEU C 90 19.95 10.86 -8.40
C LEU C 90 20.27 9.82 -9.46
N ALA C 96 17.99 8.97 -14.55
CA ALA C 96 18.00 10.22 -15.31
C ALA C 96 16.69 10.42 -16.05
N LYS C 97 16.16 11.63 -15.99
CA LYS C 97 14.89 11.99 -16.63
C LYS C 97 13.76 11.06 -16.19
N ASP C 98 13.82 10.57 -14.98
CA ASP C 98 12.71 9.80 -14.44
C ASP C 98 12.10 10.44 -13.20
N GLY C 99 12.88 11.22 -12.45
CA GLY C 99 12.40 11.89 -11.28
C GLY C 99 12.80 11.16 -10.01
N ILE C 100 11.92 11.24 -9.00
CA ILE C 100 12.23 10.61 -7.74
C ILE C 100 12.27 9.11 -7.91
N ASN C 101 13.29 8.49 -7.34
CA ASN C 101 13.51 7.06 -7.48
C ASN C 101 12.32 6.29 -6.93
N ARG C 102 11.94 5.22 -7.62
CA ARG C 102 10.71 4.51 -7.26
C ARG C 102 10.86 3.71 -5.98
N THR C 103 12.09 3.28 -5.64
CA THR C 103 12.30 2.62 -4.36
C THR C 103 12.05 3.58 -3.20
N ALA C 104 12.47 4.83 -3.35
CA ALA C 104 12.19 5.83 -2.33
C ALA C 104 10.70 6.10 -2.21
N LEU C 105 10.01 6.24 -3.34
CA LEU C 105 8.57 6.47 -3.31
C LEU C 105 7.85 5.27 -2.71
N ARG C 106 8.37 4.07 -2.92
CA ARG C 106 7.73 2.88 -2.37
C ARG C 106 7.93 2.82 -0.86
N GLU C 107 9.14 3.14 -0.39
CA GLU C 107 9.35 3.36 1.04
C GLU C 107 8.34 4.34 1.60
N ILE C 108 8.23 5.51 0.96
CA ILE C 108 7.39 6.57 1.50
C ILE C 108 5.94 6.12 1.55
N LYS C 109 5.43 5.62 0.42
CA LYS C 109 4.01 5.32 0.31
C LYS C 109 3.62 4.17 1.21
N LEU C 110 4.48 3.16 1.36
CA LEU C 110 4.10 2.03 2.19
C LEU C 110 4.30 2.32 3.66
N LEU C 111 5.38 3.00 4.04
CA LEU C 111 5.63 3.25 5.44
C LEU C 111 4.82 4.40 5.99
N GLN C 112 4.20 5.20 5.13
CA GLN C 112 3.33 6.26 5.61
C GLN C 112 2.01 5.73 6.15
N GLU C 113 1.60 4.53 5.75
CA GLU C 113 0.32 3.98 6.16
C GLU C 113 0.47 2.71 6.98
N LEU C 114 1.58 2.56 7.68
CA LEU C 114 1.81 1.48 8.63
C LEU C 114 2.30 2.05 9.94
N SER C 115 1.78 1.52 11.04
CA SER C 115 2.21 1.97 12.36
C SER C 115 2.11 0.76 13.30
N HIS C 116 3.22 0.05 13.45
CA HIS C 116 3.28 -1.11 14.32
C HIS C 116 4.53 -1.02 15.16
N PRO C 117 4.56 -1.67 16.33
CA PRO C 117 5.82 -1.75 17.07
C PRO C 117 6.95 -2.37 16.27
N ASN C 118 6.67 -3.37 15.44
CA ASN C 118 7.70 -4.17 14.81
C ASN C 118 7.82 -3.91 13.32
N ILE C 119 7.48 -2.70 12.87
CA ILE C 119 7.77 -2.25 11.52
C ILE C 119 8.43 -0.89 11.64
N ILE C 120 9.52 -0.68 10.88
CA ILE C 120 10.19 0.60 10.91
C ILE C 120 9.21 1.69 10.51
N GLY C 121 9.31 2.84 11.14
CA GLY C 121 8.41 3.92 10.78
C GLY C 121 9.17 5.15 10.41
N LEU C 122 8.86 5.76 9.27
CA LEU C 122 9.57 6.97 8.89
C LEU C 122 8.98 8.13 9.67
N LEU C 123 9.73 8.63 10.65
CA LEU C 123 9.26 9.72 11.48
C LEU C 123 9.11 11.00 10.68
N ASP C 124 9.81 11.12 9.55
CA ASP C 124 9.69 12.34 8.75
C ASP C 124 10.08 12.01 7.32
N ALA C 125 9.73 12.92 6.42
CA ALA C 125 10.21 12.84 5.05
C ALA C 125 10.20 14.25 4.47
N PHE C 126 11.28 14.62 3.80
CA PHE C 126 11.38 15.93 3.18
C PHE C 126 12.41 15.86 2.06
N GLY C 127 12.81 17.00 1.54
CA GLY C 127 13.82 17.00 0.50
C GLY C 127 13.93 18.36 -0.17
N HIS C 128 14.84 18.42 -1.13
CA HIS C 128 15.10 19.64 -1.89
C HIS C 128 15.30 19.23 -3.35
N LYS C 129 15.85 20.13 -4.16
CA LYS C 129 15.79 20.00 -5.61
C LYS C 129 16.18 18.60 -6.09
N SER C 130 15.20 17.88 -6.63
CA SER C 130 15.38 16.59 -7.29
C SER C 130 15.85 15.47 -6.37
N ASN C 131 15.80 15.66 -5.05
CA ASN C 131 16.29 14.66 -4.13
C ASN C 131 15.60 14.78 -2.78
N ILE C 132 15.50 13.66 -2.06
CA ILE C 132 14.72 13.58 -0.84
C ILE C 132 15.52 12.88 0.25
N SER C 133 15.01 13.02 1.48
CA SER C 133 15.57 12.38 2.65
C SER C 133 14.42 11.92 3.54
N LEU C 134 14.42 10.63 3.85
CA LEU C 134 13.50 10.01 4.80
C LEU C 134 14.14 10.05 6.18
N VAL C 135 13.32 9.87 7.20
CA VAL C 135 13.78 9.95 8.58
C VAL C 135 13.09 8.85 9.35
N PHE C 136 13.82 7.77 9.62
CA PHE C 136 13.32 6.61 10.35
C PHE C 136 13.82 6.63 11.79
N ASP C 137 13.24 5.76 12.60
CA ASP C 137 13.85 5.41 13.86
C ASP C 137 15.29 4.97 13.62
N PHE C 138 16.18 5.37 14.51
CA PHE C 138 17.55 4.92 14.44
C PHE C 138 17.65 3.53 15.04
N MET C 139 18.20 2.60 14.28
CA MET C 139 18.32 1.21 14.70
C MET C 139 19.79 0.83 14.71
N GLU C 140 20.30 0.50 15.90
CA GLU C 140 21.74 0.37 16.07
C GLU C 140 22.29 -0.77 15.21
N THR C 141 21.58 -1.89 15.18
CA THR C 141 22.08 -3.08 14.52
C THR C 141 20.99 -3.65 13.63
N ASP C 142 21.29 -4.79 13.00
CA ASP C 142 20.28 -5.62 12.36
C ASP C 142 20.39 -7.01 12.92
N LEU C 143 19.57 -7.95 12.45
CA LEU C 143 19.69 -9.32 12.90
C LEU C 143 20.89 -10.03 12.30
N GLU C 144 21.44 -9.52 11.19
CA GLU C 144 22.59 -10.17 10.57
C GLU C 144 23.83 -10.05 11.44
N VAL C 145 24.07 -8.88 12.03
CA VAL C 145 25.24 -8.72 12.89
C VAL C 145 25.07 -9.50 14.19
N ILE C 146 23.83 -9.71 14.62
CA ILE C 146 23.59 -10.56 15.78
C ILE C 146 23.84 -12.02 15.44
N ILE C 147 23.45 -12.44 14.25
CA ILE C 147 23.67 -13.82 13.84
C ILE C 147 25.16 -14.10 13.67
N LYS C 148 25.86 -13.22 12.95
CA LYS C 148 27.23 -13.49 12.57
C LYS C 148 28.23 -13.30 13.71
N ASP C 149 27.84 -12.64 14.80
CA ASP C 149 28.77 -12.38 15.88
C ASP C 149 28.92 -13.60 16.77
N ASN C 150 30.07 -14.26 16.68
CA ASN C 150 30.33 -15.52 17.37
C ASN C 150 30.38 -15.38 18.88
N SER C 151 30.58 -14.16 19.39
CA SER C 151 30.68 -13.93 20.82
C SER C 151 29.37 -14.14 21.57
N LEU C 152 28.26 -13.67 21.01
CA LEU C 152 26.99 -13.68 21.72
C LEU C 152 26.15 -14.88 21.30
N VAL C 153 25.69 -15.63 22.30
CA VAL C 153 24.93 -16.85 22.07
C VAL C 153 23.47 -16.51 21.86
N LEU C 154 22.77 -17.35 21.10
CA LEU C 154 21.35 -17.22 20.85
C LEU C 154 20.66 -18.43 21.45
N THR C 155 20.15 -18.28 22.65
CA THR C 155 19.42 -19.35 23.31
C THR C 155 18.06 -19.51 22.65
N PRO C 156 17.37 -20.63 22.92
CA PRO C 156 16.03 -20.81 22.35
C PRO C 156 15.08 -19.68 22.69
N SER C 157 15.23 -19.04 23.86
CA SER C 157 14.39 -17.91 24.21
C SER C 157 14.72 -16.70 23.34
N HIS C 158 16.00 -16.46 23.05
CA HIS C 158 16.37 -15.35 22.18
C HIS C 158 15.86 -15.58 20.77
N ILE C 159 16.01 -16.80 20.27
CA ILE C 159 15.49 -17.15 18.95
C ILE C 159 13.98 -16.96 18.93
N LYS C 160 13.29 -17.38 19.99
CA LYS C 160 11.85 -17.22 20.04
C LYS C 160 11.46 -15.75 20.06
N ALA C 161 12.23 -14.91 20.73
CA ALA C 161 11.94 -13.49 20.76
C ALA C 161 12.07 -12.88 19.37
N TYR C 162 13.16 -13.20 18.68
CA TYR C 162 13.35 -12.66 17.33
C TYR C 162 12.24 -13.13 16.40
N MET C 163 11.88 -14.42 16.50
CA MET C 163 10.81 -14.95 15.66
C MET C 163 9.48 -14.30 15.97
N LEU C 164 9.19 -14.10 17.26
CA LEU C 164 7.93 -13.51 17.65
C LEU C 164 7.82 -12.08 17.14
N MET C 165 8.88 -11.29 17.31
CA MET C 165 8.85 -9.93 16.80
C MET C 165 8.71 -9.89 15.28
N THR C 166 9.46 -10.76 14.59
CA THR C 166 9.39 -10.81 13.13
C THR C 166 7.98 -11.15 12.67
N LEU C 167 7.38 -12.17 13.28
CA LEU C 167 6.09 -12.65 12.80
C LEU C 167 4.96 -11.72 13.22
N GLN C 168 5.11 -11.01 14.33
CA GLN C 168 4.10 -10.03 14.69
C GLN C 168 4.12 -8.86 13.72
N GLY C 169 5.31 -8.34 13.41
CA GLY C 169 5.40 -7.31 12.40
C GLY C 169 4.85 -7.78 11.07
N LEU C 170 5.17 -9.00 10.69
CA LEU C 170 4.75 -9.49 9.38
C LEU C 170 3.26 -9.82 9.36
N GLU C 171 2.70 -10.19 10.51
CA GLU C 171 1.25 -10.41 10.61
C GLU C 171 0.50 -9.11 10.44
N TYR C 172 0.99 -8.04 11.07
CA TYR C 172 0.41 -6.73 10.81
C TYR C 172 0.52 -6.37 9.34
N LEU C 173 1.70 -6.54 8.77
CA LEU C 173 1.94 -6.17 7.38
C LEU C 173 1.06 -6.97 6.42
N HIS C 174 0.77 -8.22 6.78
CA HIS C 174 -0.04 -9.07 5.91
C HIS C 174 -1.53 -8.82 6.11
N GLN C 175 -1.96 -8.46 7.32
CA GLN C 175 -3.33 -8.02 7.51
C GLN C 175 -3.59 -6.72 6.78
N HIS C 176 -2.55 -5.93 6.49
CA HIS C 176 -2.72 -4.76 5.65
C HIS C 176 -2.43 -5.04 4.18
N TRP C 177 -2.44 -6.32 3.79
CA TRP C 177 -2.32 -6.74 2.40
C TRP C 177 -1.06 -6.19 1.74
N ILE C 178 -0.05 -5.89 2.56
CA ILE C 178 1.27 -5.54 2.06
C ILE C 178 2.18 -6.75 2.27
N LEU C 179 3.06 -6.94 1.31
CA LEU C 179 3.92 -8.11 1.22
C LEU C 179 5.34 -7.56 1.21
N HIS C 180 6.09 -7.84 2.27
CA HIS C 180 7.51 -7.49 2.34
C HIS C 180 8.28 -8.49 1.50
N ARG C 181 8.52 -8.16 0.24
CA ARG C 181 9.07 -9.11 -0.69
C ARG C 181 10.59 -9.17 -0.62
N ASP C 182 11.17 -8.71 0.48
CA ASP C 182 12.60 -8.84 0.68
C ASP C 182 12.84 -8.95 2.18
N LEU C 183 12.86 -10.16 2.69
CA LEU C 183 12.98 -10.41 4.12
C LEU C 183 14.22 -11.24 4.35
N LYS C 184 15.15 -10.72 5.13
CA LYS C 184 16.42 -11.38 5.39
C LYS C 184 17.01 -10.78 6.66
N PRO C 185 17.94 -11.47 7.30
CA PRO C 185 18.47 -10.94 8.56
C PRO C 185 19.07 -9.56 8.44
N ASN C 186 19.56 -9.19 7.26
CA ASN C 186 20.06 -7.84 7.05
C ASN C 186 18.96 -6.81 7.21
N ASN C 187 17.73 -7.16 6.83
CA ASN C 187 16.60 -6.24 6.85
C ASN C 187 15.69 -6.45 8.04
N LEU C 188 16.24 -6.83 9.19
CA LEU C 188 15.47 -6.92 10.42
C LEU C 188 16.26 -6.13 11.45
N LEU C 189 16.03 -4.83 11.50
CA LEU C 189 16.80 -3.99 12.39
C LEU C 189 16.28 -4.14 13.81
N LEU C 190 17.05 -3.65 14.78
CA LEU C 190 16.54 -3.63 16.13
C LEU C 190 17.33 -2.62 16.97
N ASP C 191 16.62 -1.90 17.82
CA ASP C 191 17.17 -0.81 18.61
C ASP C 191 17.76 -1.34 19.91
N GLU C 192 18.31 -0.44 20.72
CA GLU C 192 18.89 -0.82 22.01
C GLU C 192 17.85 -1.40 22.95
N ASN C 193 16.59 -1.06 22.75
CA ASN C 193 15.51 -1.67 23.52
C ASN C 193 15.21 -3.09 23.07
N GLY C 194 15.89 -3.58 22.05
CA GLY C 194 15.66 -4.91 21.55
C GLY C 194 14.29 -5.09 20.93
N VAL C 195 13.87 -4.15 20.12
CA VAL C 195 12.61 -4.24 19.39
C VAL C 195 12.95 -4.43 17.93
N LEU C 196 12.61 -5.59 17.39
CA LEU C 196 12.88 -5.90 16.00
C LEU C 196 11.87 -5.18 15.11
N LYS C 197 12.37 -4.61 14.03
CA LYS C 197 11.56 -3.88 13.06
C LYS C 197 11.94 -4.31 11.66
N LEU C 198 10.94 -4.51 10.81
CA LEU C 198 11.19 -4.84 9.42
C LEU C 198 11.76 -3.61 8.71
N ALA C 199 12.91 -3.79 8.06
CA ALA C 199 13.77 -2.64 7.77
C ALA C 199 13.36 -1.85 6.54
N ASP C 200 13.46 -2.45 5.35
CA ASP C 200 13.31 -1.67 4.14
C ASP C 200 12.22 -2.25 3.25
N PHE C 201 11.46 -1.34 2.66
CA PHE C 201 10.27 -1.66 1.90
C PHE C 201 10.44 -1.17 0.47
N GLY C 202 11.68 -1.06 0.02
CA GLY C 202 11.94 -0.55 -1.31
C GLY C 202 11.54 -1.51 -2.40
N LEU C 203 11.34 -2.78 -2.05
CA LEU C 203 10.66 -3.74 -2.91
C LEU C 203 9.63 -4.47 -2.05
N ALA C 204 8.46 -3.85 -1.92
CA ALA C 204 7.34 -4.39 -1.18
C ALA C 204 6.07 -4.00 -1.92
N LYS C 205 5.06 -4.86 -1.88
CA LYS C 205 3.90 -4.56 -2.71
C LYS C 205 2.58 -4.88 -2.03
N SER C 206 1.47 -4.74 -2.76
CA SER C 206 0.16 -5.11 -2.29
C SER C 206 -0.29 -6.34 -3.07
N PHE C 207 -0.55 -7.44 -2.36
CA PHE C 207 -0.66 -8.73 -3.01
C PHE C 207 -2.10 -9.18 -3.24
N GLY C 208 -3.07 -8.31 -2.98
CA GLY C 208 -4.45 -8.74 -3.09
C GLY C 208 -5.03 -8.85 -4.49
N PRO C 210 -5.88 -9.48 -8.29
CA PRO C 210 -5.66 -10.42 -9.40
C PRO C 210 -5.12 -9.76 -10.66
N ASN C 211 -5.62 -8.56 -10.95
CA ASN C 211 -5.30 -7.86 -12.19
C ASN C 211 -3.85 -7.41 -12.27
N ARG C 212 -3.06 -7.63 -11.23
CA ARG C 212 -1.71 -7.14 -11.16
C ARG C 212 -0.71 -8.26 -11.40
N ALA C 213 0.21 -8.02 -12.33
CA ALA C 213 1.22 -9.01 -12.68
C ALA C 213 2.49 -8.65 -11.95
N TYR C 214 2.86 -9.47 -10.96
CA TYR C 214 3.99 -9.18 -10.11
C TYR C 214 5.28 -9.59 -10.84
N THR C 215 6.39 -9.53 -10.14
CA THR C 215 7.64 -10.03 -10.68
C THR C 215 8.22 -11.11 -9.76
N HIS C 216 8.81 -12.11 -10.41
CA HIS C 216 9.30 -13.31 -9.74
C HIS C 216 10.74 -13.17 -9.24
N GLN C 217 11.44 -12.10 -9.62
CA GLN C 217 12.85 -11.96 -9.33
C GLN C 217 13.11 -11.24 -8.02
N VAL C 218 12.07 -10.76 -7.34
CA VAL C 218 12.27 -9.87 -6.21
C VAL C 218 12.20 -10.56 -4.86
N VAL C 219 13.33 -11.13 -4.44
CA VAL C 219 13.70 -11.33 -3.03
C VAL C 219 15.14 -11.84 -3.08
N THR C 220 15.91 -11.60 -2.03
CA THR C 220 17.28 -12.10 -2.01
C THR C 220 17.28 -13.59 -2.24
N ARG C 221 18.18 -14.06 -3.11
CA ARG C 221 18.12 -15.43 -3.59
C ARG C 221 18.11 -16.43 -2.44
N TRP C 222 18.95 -16.21 -1.44
CA TRP C 222 19.08 -17.20 -0.37
C TRP C 222 17.78 -17.39 0.39
N TYR C 223 16.94 -16.36 0.41
CA TYR C 223 15.70 -16.35 1.17
C TYR C 223 14.49 -16.36 0.25
N ARG C 224 14.66 -16.97 -0.92
CA ARG C 224 13.63 -17.04 -1.94
C ARG C 224 12.85 -18.34 -1.79
N ALA C 225 11.53 -18.24 -1.93
CA ALA C 225 10.63 -19.37 -1.95
C ALA C 225 10.81 -20.15 -3.25
N PRO C 226 10.50 -21.45 -3.26
CA PRO C 226 10.63 -22.21 -4.50
C PRO C 226 9.76 -21.70 -5.63
N GLU C 227 8.57 -21.18 -5.34
CA GLU C 227 7.69 -20.70 -6.39
C GLU C 227 8.22 -19.45 -7.08
N LEU C 228 8.95 -18.60 -6.37
CA LEU C 228 9.55 -17.44 -7.00
C LEU C 228 10.69 -17.83 -7.92
N LEU C 229 11.46 -18.83 -7.52
CA LEU C 229 12.50 -19.39 -8.38
C LEU C 229 11.91 -20.08 -9.60
N PHE C 230 10.78 -20.75 -9.44
CA PHE C 230 10.01 -21.30 -10.55
C PHE C 230 9.30 -20.24 -11.38
N GLY C 231 9.37 -18.98 -11.00
CA GLY C 231 8.85 -17.91 -11.83
C GLY C 231 7.41 -17.53 -11.60
N ALA C 232 6.88 -17.73 -10.39
CA ALA C 232 5.51 -17.34 -10.11
C ALA C 232 5.34 -15.83 -10.22
N ARG C 233 4.57 -15.40 -11.21
CA ARG C 233 4.23 -13.98 -11.36
C ARG C 233 3.13 -13.56 -10.41
N MET C 234 2.48 -14.49 -9.73
CA MET C 234 1.42 -14.20 -8.78
C MET C 234 1.67 -15.06 -7.54
N TYR C 235 1.64 -14.43 -6.37
CA TYR C 235 1.94 -15.13 -5.14
C TYR C 235 1.29 -14.43 -3.97
N GLY C 236 1.24 -15.11 -2.84
CA GLY C 236 0.66 -14.56 -1.64
C GLY C 236 1.69 -14.36 -0.55
N VAL C 237 1.29 -14.58 0.70
CA VAL C 237 2.18 -14.36 1.83
C VAL C 237 3.21 -15.47 1.98
N GLY C 238 3.17 -16.48 1.11
CA GLY C 238 4.13 -17.57 1.21
C GLY C 238 5.56 -17.17 0.97
N VAL C 239 5.79 -16.08 0.23
CA VAL C 239 7.16 -15.64 0.00
C VAL C 239 7.77 -15.08 1.28
N ASP C 240 7.01 -14.25 1.99
CA ASP C 240 7.46 -13.75 3.28
C ASP C 240 7.66 -14.88 4.26
N MET C 241 6.75 -15.86 4.24
CA MET C 241 6.85 -16.93 5.24
C MET C 241 8.00 -17.87 4.93
N TRP C 242 8.31 -18.10 3.66
CA TRP C 242 9.51 -18.86 3.33
C TRP C 242 10.76 -18.12 3.75
N ALA C 243 10.81 -16.81 3.51
CA ALA C 243 11.97 -16.04 3.96
C ALA C 243 12.06 -16.03 5.48
N VAL C 244 10.93 -16.09 6.17
CA VAL C 244 10.92 -16.15 7.63
C VAL C 244 11.42 -17.51 8.10
N GLY C 245 11.04 -18.58 7.42
CA GLY C 245 11.58 -19.89 7.74
C GLY C 245 13.07 -19.95 7.52
N CYS C 246 13.55 -19.32 6.46
CA CYS C 246 14.98 -19.29 6.19
C CYS C 246 15.71 -18.44 7.23
N ILE C 247 15.08 -17.35 7.67
CA ILE C 247 15.65 -16.53 8.74
C ILE C 247 15.74 -17.33 10.02
N LEU C 248 14.71 -18.10 10.34
CA LEU C 248 14.74 -18.94 11.53
C LEU C 248 15.81 -20.01 11.42
N ALA C 249 15.97 -20.59 10.23
CA ALA C 249 17.01 -21.59 10.04
C ALA C 249 18.40 -20.99 10.20
N GLU C 250 18.63 -19.81 9.62
CA GLU C 250 19.90 -19.12 9.80
C GLU C 250 20.10 -18.68 11.25
N LEU C 251 19.01 -18.42 11.96
CA LEU C 251 19.09 -18.03 13.35
C LEU C 251 19.42 -19.21 14.24
N LEU C 252 19.00 -20.41 13.83
CA LEU C 252 19.30 -21.62 14.57
C LEU C 252 20.65 -22.22 14.22
N LEU C 253 21.15 -21.97 13.01
CA LEU C 253 22.44 -22.49 12.58
C LEU C 253 23.54 -21.44 12.56
N ARG C 254 23.18 -20.16 12.58
CA ARG C 254 24.11 -19.03 12.54
C ARG C 254 24.85 -18.94 11.21
N VAL C 255 24.42 -19.68 10.19
CA VAL C 255 25.02 -19.61 8.86
C VAL C 255 23.87 -19.65 7.86
N PRO C 256 23.95 -18.96 6.73
CA PRO C 256 22.84 -18.96 5.78
C PRO C 256 22.34 -20.35 5.39
N PHE C 257 21.11 -20.65 5.78
CA PHE C 257 20.41 -21.81 5.25
C PHE C 257 20.26 -21.68 3.75
N LEU C 258 20.61 -22.73 3.03
CA LEU C 258 20.47 -22.77 1.57
C LEU C 258 21.14 -21.57 0.90
N PRO C 259 22.46 -21.43 0.99
CA PRO C 259 23.12 -20.35 0.24
C PRO C 259 23.36 -20.74 -1.21
N GLY C 260 22.60 -20.14 -2.12
CA GLY C 260 22.67 -20.53 -3.51
C GLY C 260 23.52 -19.62 -4.38
N ASP C 261 24.18 -20.20 -5.37
CA ASP C 261 24.98 -19.43 -6.32
C ASP C 261 24.17 -18.95 -7.50
N SER C 262 22.98 -19.51 -7.72
CA SER C 262 22.11 -19.14 -8.82
C SER C 262 20.71 -19.65 -8.51
N ASP C 263 19.75 -19.29 -9.37
CA ASP C 263 18.39 -19.76 -9.15
C ASP C 263 18.30 -21.27 -9.25
N LEU C 264 18.99 -21.86 -10.24
CA LEU C 264 19.05 -23.31 -10.32
C LEU C 264 19.77 -23.91 -9.13
N ASP C 265 20.88 -23.30 -8.72
CA ASP C 265 21.57 -23.82 -7.54
C ASP C 265 20.74 -23.64 -6.27
N GLN C 266 20.04 -22.53 -6.15
CA GLN C 266 19.18 -22.32 -4.99
C GLN C 266 18.08 -23.37 -4.94
N LEU C 267 17.48 -23.67 -6.08
CA LEU C 267 16.47 -24.72 -6.13
C LEU C 267 17.06 -26.08 -5.82
N THR C 268 18.25 -26.38 -6.34
CA THR C 268 18.88 -27.66 -6.04
C THR C 268 19.12 -27.81 -4.55
N ARG C 269 19.59 -26.74 -3.90
CA ARG C 269 19.88 -26.84 -2.47
C ARG C 269 18.60 -26.94 -1.66
N ILE C 270 17.56 -26.19 -2.02
CA ILE C 270 16.27 -26.33 -1.37
C ILE C 270 15.78 -27.77 -1.46
N PHE C 271 15.86 -28.35 -2.65
CA PHE C 271 15.29 -29.67 -2.87
C PHE C 271 16.14 -30.76 -2.21
N GLU C 272 17.46 -30.61 -2.22
CA GLU C 272 18.29 -31.63 -1.60
C GLU C 272 18.29 -31.50 -0.09
N THR C 273 17.89 -30.34 0.43
CA THR C 273 17.78 -30.17 1.87
C THR C 273 16.42 -30.57 2.41
N LEU C 274 15.36 -30.36 1.64
CA LEU C 274 14.00 -30.62 2.10
C LEU C 274 13.30 -31.73 1.34
N GLY C 275 13.86 -32.20 0.23
CA GLY C 275 13.19 -33.16 -0.61
C GLY C 275 12.45 -32.47 -1.73
N THR C 276 12.52 -33.00 -2.96
CA THR C 276 11.76 -32.41 -4.04
C THR C 276 10.26 -32.66 -3.83
N PRO C 277 9.44 -31.64 -4.04
CA PRO C 277 8.00 -31.81 -3.86
C PRO C 277 7.44 -32.82 -4.85
N THR C 278 6.47 -33.60 -4.38
CA THR C 278 6.00 -34.76 -5.13
C THR C 278 4.62 -34.55 -5.73
N GLU C 279 4.11 -33.32 -5.77
CA GLU C 279 2.87 -32.96 -6.43
C GLU C 279 1.65 -33.48 -5.67
N GLU C 280 1.87 -34.26 -4.61
CA GLU C 280 0.88 -34.36 -3.55
C GLU C 280 1.20 -33.44 -2.39
N GLN C 281 2.47 -33.07 -2.23
CA GLN C 281 2.86 -32.04 -1.27
C GLN C 281 2.71 -30.65 -1.84
N TRP C 282 3.01 -30.45 -3.11
CA TRP C 282 2.81 -29.17 -3.80
C TRP C 282 2.04 -29.46 -5.07
N PRO C 283 0.75 -29.78 -4.94
CA PRO C 283 -0.03 -30.12 -6.13
C PRO C 283 -0.11 -28.93 -7.07
N ASP C 284 -0.22 -29.22 -8.36
CA ASP C 284 -0.39 -28.18 -9.36
C ASP C 284 0.86 -27.29 -9.46
N MET C 285 2.01 -27.88 -9.14
CA MET C 285 3.30 -27.21 -9.23
C MET C 285 3.80 -27.04 -10.66
N CYS C 286 3.51 -27.98 -11.54
CA CYS C 286 4.15 -28.04 -12.86
C CYS C 286 3.70 -26.93 -13.79
N SER C 287 2.85 -26.02 -13.33
CA SER C 287 2.28 -25.00 -14.20
C SER C 287 3.03 -23.68 -14.17
N LEU C 288 4.05 -23.55 -13.32
CA LEU C 288 4.75 -22.28 -13.21
C LEU C 288 5.61 -22.02 -14.45
N PRO C 289 5.83 -20.76 -14.80
CA PRO C 289 6.46 -20.43 -16.09
C PRO C 289 7.87 -20.98 -16.25
N ASP C 290 8.65 -21.05 -15.18
CA ASP C 290 10.03 -21.49 -15.25
C ASP C 290 10.22 -22.76 -14.44
N TYR C 291 9.26 -23.67 -14.50
CA TYR C 291 9.40 -24.94 -13.81
C TYR C 291 10.28 -25.88 -14.60
N VAL C 292 11.25 -26.49 -13.93
CA VAL C 292 12.08 -27.54 -14.52
C VAL C 292 12.09 -28.71 -13.54
N THR C 293 11.95 -29.92 -14.08
CA THR C 293 11.92 -31.10 -13.24
C THR C 293 13.30 -31.36 -12.63
N PHE C 294 13.29 -31.90 -11.42
CA PHE C 294 14.51 -32.12 -10.65
C PHE C 294 14.65 -33.58 -10.27
N LYS C 295 15.89 -34.01 -10.10
CA LYS C 295 16.15 -35.32 -9.53
C LYS C 295 15.48 -35.43 -8.17
N SER C 296 14.88 -36.58 -7.90
CA SER C 296 14.10 -36.78 -6.67
C SER C 296 15.06 -36.94 -5.50
N PHE C 297 15.32 -35.85 -4.80
CA PHE C 297 16.15 -35.87 -3.60
C PHE C 297 15.33 -36.35 -2.41
N PRO C 298 15.94 -37.08 -1.48
CA PRO C 298 15.20 -37.54 -0.31
C PRO C 298 14.92 -36.43 0.67
N GLY C 299 15.85 -35.49 0.77
CA GLY C 299 15.77 -34.46 1.78
C GLY C 299 16.19 -34.95 3.14
N ILE C 300 16.87 -34.09 3.87
CA ILE C 300 17.37 -34.39 5.22
C ILE C 300 16.25 -34.17 6.21
N PRO C 301 16.00 -35.11 7.13
CA PRO C 301 14.98 -34.89 8.15
C PRO C 301 15.29 -33.65 8.98
N LEU C 302 14.24 -32.90 9.31
CA LEU C 302 14.43 -31.63 10.00
C LEU C 302 15.10 -31.82 11.36
N HIS C 303 14.86 -32.93 12.04
CA HIS C 303 15.55 -33.15 13.29
C HIS C 303 16.99 -33.59 13.10
N HIS C 304 17.47 -33.60 11.85
CA HIS C 304 18.89 -33.75 11.57
C HIS C 304 19.55 -32.44 11.16
N ILE C 305 18.82 -31.56 10.47
CA ILE C 305 19.36 -30.24 10.15
C ILE C 305 19.51 -29.40 11.41
N PHE C 306 18.44 -29.37 12.22
CA PHE C 306 18.45 -28.64 13.49
C PHE C 306 18.42 -29.68 14.61
N SER C 307 19.60 -30.15 14.97
CA SER C 307 19.72 -31.28 15.89
C SER C 307 19.36 -30.92 17.31
N ALA C 308 19.17 -29.64 17.62
CA ALA C 308 18.94 -29.19 18.98
C ALA C 308 17.75 -28.25 19.04
N ALA C 309 16.71 -28.54 18.27
CA ALA C 309 15.48 -27.78 18.29
C ALA C 309 14.35 -28.67 18.79
N GLY C 310 13.47 -28.09 19.59
CA GLY C 310 12.37 -28.84 20.16
C GLY C 310 11.36 -29.28 19.12
N ASP C 311 10.49 -30.20 19.53
CA ASP C 311 9.50 -30.74 18.60
C ASP C 311 8.56 -29.65 18.12
N ASP C 312 8.16 -28.73 19.00
CA ASP C 312 7.32 -27.62 18.58
C ASP C 312 8.05 -26.72 17.59
N LEU C 313 9.33 -26.45 17.83
CA LEU C 313 10.11 -25.68 16.88
C LEU C 313 10.23 -26.42 15.57
N LEU C 314 10.35 -27.74 15.62
CA LEU C 314 10.39 -28.52 14.38
C LEU C 314 9.10 -28.40 13.61
N ASP C 315 7.96 -28.39 14.31
CA ASP C 315 6.69 -28.20 13.63
C ASP C 315 6.59 -26.81 13.02
N LEU C 316 7.11 -25.79 13.71
CA LEU C 316 7.17 -24.46 13.13
C LEU C 316 8.03 -24.44 11.87
N ILE C 317 9.19 -25.10 11.91
CA ILE C 317 10.07 -25.18 10.74
C ILE C 317 9.35 -25.86 9.59
N GLN C 318 8.69 -26.98 9.87
CA GLN C 318 7.99 -27.71 8.84
C GLN C 318 6.88 -26.86 8.22
N GLY C 319 6.13 -26.15 9.04
CA GLY C 319 5.09 -25.28 8.51
C GLY C 319 5.66 -24.18 7.63
N LEU C 320 6.71 -23.49 8.11
CA LEU C 320 7.29 -22.42 7.32
C LEU C 320 8.01 -22.92 6.07
N PHE C 321 8.32 -24.21 6.00
CA PHE C 321 9.06 -24.73 4.87
C PHE C 321 8.24 -25.72 4.06
N LEU C 322 6.93 -25.51 4.00
CA LEU C 322 6.08 -26.31 3.13
C LEU C 322 6.18 -25.78 1.71
N PHE C 323 6.32 -26.71 0.76
CA PHE C 323 6.49 -26.31 -0.63
C PHE C 323 5.23 -25.69 -1.20
N ASN C 324 4.08 -26.26 -0.89
CA ASN C 324 2.82 -25.71 -1.35
C ASN C 324 2.66 -24.32 -0.77
N PRO C 325 2.65 -23.26 -1.58
CA PRO C 325 2.56 -21.91 -1.02
C PRO C 325 1.23 -21.60 -0.39
N CYS C 326 0.27 -22.52 -0.45
CA CYS C 326 -1.01 -22.35 0.22
C CYS C 326 -1.11 -23.15 1.51
N ALA C 327 -0.46 -24.31 1.59
CA ALA C 327 -0.37 -25.05 2.84
C ALA C 327 0.66 -24.47 3.79
N ARG C 328 1.61 -23.69 3.27
CA ARG C 328 2.56 -23.00 4.14
C ARG C 328 1.82 -22.14 5.14
N ILE C 329 2.27 -22.19 6.39
CA ILE C 329 1.57 -21.46 7.42
C ILE C 329 1.76 -19.96 7.24
N THR C 330 0.76 -19.21 7.67
CA THR C 330 0.79 -17.77 7.64
C THR C 330 1.31 -17.25 8.97
N ALA C 331 1.58 -15.94 9.02
CA ALA C 331 2.11 -15.35 10.24
C ALA C 331 1.16 -15.53 11.40
N THR C 332 -0.15 -15.38 11.15
CA THR C 332 -1.13 -15.53 12.20
C THR C 332 -1.15 -16.93 12.78
N GLN C 333 -1.26 -17.93 11.93
CA GLN C 333 -1.34 -19.29 12.43
C GLN C 333 0.02 -19.81 12.87
N ALA C 334 1.10 -19.21 12.38
CA ALA C 334 2.42 -19.47 12.97
C ALA C 334 2.46 -18.97 14.40
N LEU C 335 1.89 -17.80 14.67
CA LEU C 335 1.90 -17.24 16.02
C LEU C 335 1.05 -18.04 16.98
N LYS C 336 0.10 -18.82 16.48
CA LYS C 336 -0.80 -19.61 17.30
C LYS C 336 -0.26 -21.00 17.59
N MET C 337 0.93 -21.33 17.10
CA MET C 337 1.46 -22.67 17.29
C MET C 337 2.07 -22.82 18.67
N LYS C 338 2.16 -24.07 19.12
CA LYS C 338 2.60 -24.34 20.48
C LYS C 338 4.01 -23.84 20.76
N TYR C 339 4.81 -23.61 19.72
CA TYR C 339 6.18 -23.17 19.94
C TYR C 339 6.22 -21.89 20.77
N PHE C 340 5.45 -20.89 20.38
CA PHE C 340 5.49 -19.59 21.03
C PHE C 340 4.82 -19.59 22.39
N SER C 341 3.95 -20.57 22.66
CA SER C 341 3.27 -20.65 23.93
C SER C 341 3.93 -21.62 24.91
N ASN C 342 4.99 -22.31 24.51
CA ASN C 342 5.60 -23.31 25.37
C ASN C 342 6.49 -22.65 26.42
N ARG C 343 7.16 -23.48 27.22
CA ARG C 343 7.70 -23.02 28.51
C ARG C 343 8.75 -21.92 28.36
N PRO C 344 9.76 -22.04 27.50
CA PRO C 344 10.72 -20.95 27.40
C PRO C 344 10.08 -19.75 26.75
N GLY C 345 9.74 -18.73 27.54
CA GLY C 345 9.15 -17.54 27.01
C GLY C 345 10.16 -16.79 26.20
N PRO C 346 9.70 -15.96 25.26
CA PRO C 346 10.63 -15.14 24.48
C PRO C 346 11.36 -14.18 25.39
N THR C 347 12.58 -13.83 24.98
CA THR C 347 13.20 -12.93 25.93
C THR C 347 12.61 -11.53 25.82
N PRO C 348 12.50 -10.83 26.95
CA PRO C 348 12.14 -9.42 26.88
C PRO C 348 13.21 -8.66 26.11
N GLY C 349 12.76 -7.64 25.36
CA GLY C 349 13.68 -6.89 24.53
C GLY C 349 14.84 -6.29 25.28
N CYS C 350 14.71 -6.11 26.58
CA CYS C 350 15.80 -5.62 27.42
C CYS C 350 16.91 -6.64 27.63
N GLN C 351 16.60 -7.93 27.56
CA GLN C 351 17.56 -8.99 27.83
C GLN C 351 18.14 -9.60 26.57
N LEU C 352 17.71 -9.16 25.40
CA LEU C 352 18.27 -9.64 24.15
C LEU C 352 19.72 -9.19 24.01
N PRO C 353 20.57 -10.00 23.40
CA PRO C 353 21.99 -9.64 23.31
C PRO C 353 22.23 -8.58 22.25
N ARG C 354 23.10 -7.63 22.57
CA ARG C 354 23.48 -6.60 21.63
C ARG C 354 24.94 -6.77 21.26
N PRO C 355 25.28 -6.72 19.98
CA PRO C 355 26.70 -6.83 19.61
C PRO C 355 27.46 -5.55 19.91
N ASN C 356 28.25 -5.58 20.97
CA ASN C 356 28.96 -4.38 21.39
C ASN C 356 30.20 -4.16 20.52
N CYS C 357 30.18 -3.10 19.73
CA CYS C 357 31.26 -2.75 18.81
C CYS C 357 31.57 -3.88 17.84
#